data_8TY7
#
_entry.id   8TY7
#
_cell.length_a   201.006
_cell.length_b   201.006
_cell.length_c   201.006
_cell.angle_alpha   90.00
_cell.angle_beta   90.00
_cell.angle_gamma   90.00
#
_symmetry.space_group_name_H-M   'I 21 3'
#
loop_
_entity.id
_entity.type
_entity.pdbx_description
1 polymer Hemagglutinin
2 polymer Hemagglutinin
3 polymer 'GC_w2_3C10, heavy chain'
4 polymer 'GC_w2_3C10, light chain'
5 non-polymer 2-acetamido-2-deoxy-beta-D-glucopyranose
#
loop_
_entity_poly.entity_id
_entity_poly.type
_entity_poly.pdbx_seq_one_letter_code
_entity_poly.pdbx_strand_id
1 'polypeptide(L)'
;ADPGDTLCIGYHANNSTDTVDTVLEKNVTVTHSVNLLEDKHNGKLCKLRGVAPLHLGKCNIAGWILGNPECESLSTASSW
SYIVETPSSDNGTCYPGDFIDYEELREQLSSVSSFERFEIFPKTSSWPNHDSNKGVTAACPHAGAKSFYKNLIWLVKKGN
SYPKLSKSYINDKGKEVLVLWGIHHPSTSADQQSLYQNADTYVFVGSSRYSKKFKPEIAIRPKVRDQEGRMNYYWTLVEP
GDKITFEATGNLVVPRYAFAMERNAGSGIIISDTPVHDCNTTCQTPKGAINTSLPFQNIHPITIGKCPKYVKSTKLRLAT
GLRNIPSIASR
;
A
2 'polypeptide(L)'
;GLFGAIAGFIEGGWTGMVDGWYGYHHQNEQGSGYAADLKSTQNAIDGITNKVNSVIEKMNTQFTAVGKEFNHLEKRIENL
NKKVDDGFLDIWTYNAELLVLLENERTLDYHDSNVKNLYEKVRSQLKNNAKEIGNGCFEFYHKCDNTCMESVKNGTYDYP
KYSEEAKLNREEIDSGR
;
B
3 'polypeptide(L)'
;DEVQLVQSGAEVKKPGSSVRVSCKASGGTFSAISWVRQAPGQGLEWMGGIIPVFGTANYAQKFQGRVTITADDSTSTAYM
EVSSLRSDDTAVYYCAREETWKGATIGVMGIWGQGTMVTVSSASTKGPSVFPLAPSSKSTSGGTAALGCLVKDYFPEPVT
VSWNSGALTSGVHTFPAVLQSSGLYSLSSVVTVPSSSLGTQTYICNVNHKPSNTKVDKRVEPKSC
;
H
4 'polypeptide(L)'
;DIQMTQSPSSLSASVGDRVTITCRASQSISSYLNWYQHKPGKAPKLLIFTASNLQSGVPSRFSGGGSGTDFTLTISSLQP
EDFATYYCQQSYTSPRTFGQGTKVEIKRTVAAPSVFIFPPSDEQLKSGTASVVCLLNNFYPREAKVQWKVDNALQSGNSQ
ESVTEQDSKDSTYSLSSTLTLSKADYEKHKVYACEVTHQGLSSPVTKSFNRGEC
;
L
#
loop_
_chem_comp.id
_chem_comp.type
_chem_comp.name
_chem_comp.formula
NAG D-saccharide, beta linking 2-acetamido-2-deoxy-beta-D-glucopyranose 'C8 H15 N O6'
#
# COMPACT_ATOMS: atom_id res chain seq x y z
N ASP A 2 -45.90 39.55 -14.86
CA ASP A 2 -44.84 38.92 -14.10
C ASP A 2 -43.48 39.51 -14.48
N PRO A 3 -42.58 39.65 -13.50
CA PRO A 3 -41.26 40.25 -13.76
C PRO A 3 -40.21 39.19 -14.14
N GLY A 4 -40.51 38.44 -15.20
CA GLY A 4 -39.59 37.42 -15.68
C GLY A 4 -39.23 36.39 -14.64
N ASP A 5 -37.99 36.43 -14.16
CA ASP A 5 -37.50 35.60 -13.06
C ASP A 5 -37.65 34.11 -13.39
N THR A 6 -36.89 33.69 -14.40
CA THR A 6 -36.94 32.33 -14.89
C THR A 6 -35.90 31.44 -14.23
N LEU A 7 -36.22 30.16 -14.11
CA LEU A 7 -35.30 29.14 -13.60
C LEU A 7 -35.27 27.98 -14.59
N CYS A 8 -34.08 27.43 -14.82
CA CYS A 8 -33.88 26.41 -15.84
C CYS A 8 -33.22 25.17 -15.23
N ILE A 9 -33.55 24.02 -15.80
CA ILE A 9 -32.95 22.73 -15.43
C ILE A 9 -32.19 22.22 -16.64
N GLY A 10 -30.93 21.81 -16.42
CA GLY A 10 -30.09 21.35 -17.51
C GLY A 10 -29.03 20.40 -17.01
N TYR A 11 -28.21 19.92 -17.96
CA TYR A 11 -27.14 18.97 -17.68
C TYR A 11 -25.80 19.56 -18.10
N HIS A 12 -24.73 18.87 -17.73
CA HIS A 12 -23.37 19.34 -17.93
C HIS A 12 -22.84 18.92 -19.29
N ALA A 13 -21.96 19.75 -19.85
CA ALA A 13 -21.30 19.47 -21.12
C ALA A 13 -19.87 19.98 -21.06
N ASN A 14 -18.98 19.32 -21.81
CA ASN A 14 -17.57 19.71 -21.87
C ASN A 14 -17.09 19.53 -23.30
N ASN A 15 -15.77 19.65 -23.50
CA ASN A 15 -15.15 19.51 -24.80
C ASN A 15 -14.55 18.13 -25.03
N SER A 16 -14.81 17.19 -24.13
CA SER A 16 -14.18 15.87 -24.23
C SER A 16 -14.57 15.17 -25.52
N THR A 17 -13.58 14.59 -26.18
CA THR A 17 -13.78 13.88 -27.44
C THR A 17 -13.94 12.38 -27.24
N ASP A 18 -14.10 11.93 -26.01
CA ASP A 18 -14.27 10.50 -25.73
C ASP A 18 -15.52 9.98 -26.41
N THR A 19 -15.39 8.83 -27.06
CA THR A 19 -16.50 8.17 -27.74
C THR A 19 -16.63 6.74 -27.21
N VAL A 20 -17.85 6.35 -26.87
CA VAL A 20 -18.14 5.01 -26.39
C VAL A 20 -19.14 4.35 -27.33
N ASP A 21 -19.25 3.04 -27.20
CA ASP A 21 -20.15 2.24 -28.02
C ASP A 21 -21.24 1.66 -27.13
N THR A 22 -22.48 1.75 -27.60
CA THR A 22 -23.63 1.20 -26.89
C THR A 22 -24.30 0.15 -27.75
N VAL A 23 -25.26 -0.56 -27.15
CA VAL A 23 -25.99 -1.58 -27.87
C VAL A 23 -26.86 -0.97 -28.97
N LEU A 24 -27.41 0.22 -28.74
CA LEU A 24 -28.29 0.85 -29.71
C LEU A 24 -27.58 1.83 -30.64
N GLU A 25 -26.44 2.37 -30.23
CA GLU A 25 -25.73 3.34 -31.06
C GLU A 25 -24.23 3.23 -30.80
N LYS A 26 -23.45 3.40 -31.86
CA LYS A 26 -22.00 3.31 -31.80
C LYS A 26 -21.40 4.72 -31.88
N ASN A 27 -20.25 4.90 -31.24
CA ASN A 27 -19.60 6.22 -31.17
C ASN A 27 -20.56 7.31 -30.68
N VAL A 28 -20.93 7.18 -29.41
CA VAL A 28 -21.65 8.23 -28.69
C VAL A 28 -20.65 9.00 -27.85
N THR A 29 -20.59 10.32 -28.06
CA THR A 29 -19.69 11.17 -27.27
C THR A 29 -20.24 11.37 -25.87
N VAL A 30 -19.37 11.22 -24.87
CA VAL A 30 -19.76 11.34 -23.47
C VAL A 30 -18.83 12.33 -22.77
N THR A 31 -19.33 12.87 -21.66
CA THR A 31 -18.56 13.87 -20.91
C THR A 31 -17.34 13.24 -20.23
N HIS A 32 -17.54 12.11 -19.55
CA HIS A 32 -16.46 11.41 -18.90
C HIS A 32 -16.62 9.91 -19.11
N SER A 33 -15.50 9.20 -19.09
CA SER A 33 -15.50 7.76 -19.33
C SER A 33 -14.27 7.15 -18.68
N VAL A 34 -14.30 5.82 -18.55
CA VAL A 34 -13.20 5.06 -17.99
C VAL A 34 -12.84 3.93 -18.94
N ASN A 35 -11.60 3.48 -18.85
CA ASN A 35 -11.07 2.42 -19.71
C ASN A 35 -10.91 1.15 -18.90
N LEU A 36 -11.58 0.08 -19.33
CA LEU A 36 -11.58 -1.20 -18.63
C LEU A 36 -10.57 -2.19 -19.20
N LEU A 37 -9.84 -1.83 -20.25
CA LEU A 37 -8.95 -2.73 -20.94
C LEU A 37 -7.49 -2.30 -20.74
N GLU A 38 -6.62 -3.28 -20.55
CA GLU A 38 -5.19 -3.03 -20.40
C GLU A 38 -4.47 -3.40 -21.68
N ASP A 39 -3.71 -2.44 -22.23
CA ASP A 39 -3.03 -2.67 -23.50
C ASP A 39 -1.59 -2.19 -23.50
N LYS A 40 -1.03 -1.85 -22.34
CA LYS A 40 0.33 -1.33 -22.24
C LYS A 40 1.16 -2.22 -21.34
N HIS A 41 2.41 -2.46 -21.75
CA HIS A 41 3.36 -3.24 -20.97
C HIS A 41 4.67 -2.47 -20.87
N ASN A 42 5.35 -2.63 -19.74
CA ASN A 42 6.62 -1.94 -19.52
C ASN A 42 7.75 -2.54 -20.35
N GLY A 43 7.53 -3.67 -21.01
CA GLY A 43 8.54 -4.25 -21.87
C GLY A 43 9.78 -4.76 -21.17
N LYS A 44 9.62 -5.34 -19.98
CA LYS A 44 10.76 -5.91 -19.26
C LYS A 44 10.27 -7.07 -18.40
N LEU A 45 11.02 -8.17 -18.41
CA LEU A 45 10.72 -9.27 -17.53
C LEU A 45 11.12 -8.91 -16.11
N CYS A 46 10.22 -9.18 -15.15
CA CYS A 46 10.39 -8.62 -13.81
C CYS A 46 10.41 -9.69 -12.73
N LYS A 47 10.36 -9.26 -11.47
CA LYS A 47 10.50 -10.17 -10.33
C LYS A 47 9.11 -10.47 -9.76
N LEU A 48 8.53 -11.59 -10.18
CA LEU A 48 7.28 -12.03 -9.60
C LEU A 48 7.46 -12.44 -8.15
N ARG A 49 6.51 -12.05 -7.30
CA ARG A 49 6.56 -12.31 -5.86
C ARG A 49 7.81 -11.75 -5.20
N GLY A 50 8.47 -10.78 -5.85
CA GLY A 50 9.72 -10.26 -5.36
C GLY A 50 10.93 -11.10 -5.68
N VAL A 51 10.74 -12.35 -6.10
CA VAL A 51 11.84 -13.25 -6.40
C VAL A 51 12.17 -13.14 -7.89
N ALA A 52 13.45 -12.90 -8.18
CA ALA A 52 13.88 -12.76 -9.57
C ALA A 52 13.75 -14.10 -10.30
N PRO A 53 13.45 -14.06 -11.60
CA PRO A 53 13.33 -15.30 -12.36
C PRO A 53 14.69 -15.95 -12.60
N LEU A 54 14.65 -17.15 -13.16
CA LEU A 54 15.85 -17.89 -13.50
C LEU A 54 16.10 -17.75 -15.00
N HIS A 55 17.21 -17.10 -15.34
CA HIS A 55 17.57 -16.84 -16.73
C HIS A 55 18.67 -17.79 -17.18
N LEU A 56 18.52 -18.33 -18.39
CA LEU A 56 19.50 -19.25 -18.95
C LEU A 56 20.27 -18.65 -20.12
N GLY A 57 19.58 -18.13 -21.13
CA GLY A 57 20.25 -17.45 -22.22
C GLY A 57 20.79 -18.39 -23.29
N LYS A 58 22.09 -18.61 -23.28
CA LYS A 58 22.75 -19.43 -24.30
C LYS A 58 22.31 -20.89 -24.25
N CYS A 59 21.64 -21.33 -23.18
CA CYS A 59 21.26 -22.71 -23.02
C CYS A 59 19.76 -22.81 -22.71
N ASN A 60 19.21 -23.97 -23.01
CA ASN A 60 17.86 -24.30 -22.58
C ASN A 60 17.94 -24.92 -21.19
N ILE A 61 16.80 -25.42 -20.68
CA ILE A 61 16.79 -26.04 -19.36
C ILE A 61 17.62 -27.32 -19.36
N ALA A 62 17.62 -28.05 -20.47
CA ALA A 62 18.42 -29.28 -20.55
C ALA A 62 19.90 -28.97 -20.40
N GLY A 63 20.38 -27.91 -21.05
CA GLY A 63 21.80 -27.57 -20.96
C GLY A 63 22.21 -27.13 -19.57
N TRP A 64 21.39 -26.30 -18.92
CA TRP A 64 21.76 -25.77 -17.61
C TRP A 64 21.70 -26.86 -16.54
N ILE A 65 20.72 -27.75 -16.62
CA ILE A 65 20.58 -28.77 -15.58
C ILE A 65 21.62 -29.87 -15.75
N LEU A 66 22.11 -30.09 -16.97
CA LEU A 66 23.15 -31.10 -17.17
C LEU A 66 24.55 -30.56 -16.91
N GLY A 67 24.78 -29.29 -17.22
CA GLY A 67 26.08 -28.69 -17.00
C GLY A 67 26.89 -28.55 -18.28
N ASN A 68 26.22 -28.21 -19.37
CA ASN A 68 26.89 -28.04 -20.65
C ASN A 68 27.96 -26.95 -20.53
N PRO A 69 29.15 -27.17 -21.10
CA PRO A 69 30.23 -26.17 -20.94
C PRO A 69 29.89 -24.78 -21.44
N GLU A 70 28.84 -24.64 -22.25
CA GLU A 70 28.37 -23.33 -22.69
C GLU A 70 27.38 -22.70 -21.71
N CYS A 71 27.26 -23.25 -20.50
CA CYS A 71 26.27 -22.81 -19.54
C CYS A 71 26.94 -22.48 -18.21
N GLU A 72 26.24 -21.68 -17.40
CA GLU A 72 26.68 -21.35 -16.06
C GLU A 72 25.98 -22.28 -15.05
N SER A 73 26.36 -22.13 -13.79
CA SER A 73 25.76 -22.91 -12.71
C SER A 73 25.66 -22.03 -11.46
N LEU A 74 24.75 -22.41 -10.58
CA LEU A 74 24.50 -21.67 -9.34
C LEU A 74 25.18 -22.41 -8.20
N SER A 75 26.19 -21.79 -7.59
CA SER A 75 26.90 -22.38 -6.47
C SER A 75 26.23 -22.06 -5.13
N THR A 76 25.83 -20.81 -4.93
CA THR A 76 25.16 -20.41 -3.71
C THR A 76 23.68 -20.82 -3.75
N ALA A 77 23.03 -20.74 -2.60
CA ALA A 77 21.61 -21.03 -2.50
C ALA A 77 20.81 -20.00 -3.29
N SER A 78 20.12 -20.45 -4.33
CA SER A 78 19.40 -19.57 -5.24
C SER A 78 17.91 -19.90 -5.22
N SER A 79 17.11 -18.93 -5.66
CA SER A 79 15.67 -19.08 -5.75
C SER A 79 15.16 -18.30 -6.95
N TRP A 80 14.05 -18.77 -7.51
CA TRP A 80 13.44 -18.08 -8.64
C TRP A 80 11.93 -18.32 -8.63
N SER A 81 11.21 -17.41 -9.29
CA SER A 81 9.77 -17.52 -9.40
C SER A 81 9.34 -18.18 -10.71
N TYR A 82 10.07 -17.92 -11.80
CA TYR A 82 9.80 -18.57 -13.07
C TYR A 82 11.12 -18.68 -13.84
N ILE A 83 11.05 -19.30 -15.01
CA ILE A 83 12.22 -19.58 -15.85
C ILE A 83 12.09 -18.79 -17.14
N VAL A 84 13.16 -18.11 -17.54
CA VAL A 84 13.26 -17.43 -18.82
C VAL A 84 14.23 -18.22 -19.69
N GLU A 85 13.77 -18.60 -20.89
CA GLU A 85 14.58 -19.38 -21.82
C GLU A 85 14.36 -18.79 -23.21
N THR A 86 15.32 -17.99 -23.68
CA THR A 86 15.19 -17.34 -24.98
C THR A 86 15.18 -18.38 -26.10
N PRO A 87 14.47 -18.11 -27.19
CA PRO A 87 14.48 -19.06 -28.32
C PRO A 87 15.84 -19.23 -28.97
N SER A 88 16.76 -18.28 -28.76
CA SER A 88 18.12 -18.43 -29.25
C SER A 88 18.90 -19.53 -28.54
N SER A 89 18.37 -20.07 -27.45
CA SER A 89 19.05 -21.11 -26.70
C SER A 89 19.13 -22.39 -27.53
N ASP A 90 20.34 -22.87 -27.74
CA ASP A 90 20.60 -24.11 -28.48
C ASP A 90 21.48 -25.07 -27.71
N ASN A 91 22.46 -24.55 -26.97
CA ASN A 91 23.48 -25.39 -26.33
C ASN A 91 22.85 -26.12 -25.14
N GLY A 92 22.16 -27.21 -25.47
CA GLY A 92 21.55 -28.04 -24.45
C GLY A 92 22.24 -29.39 -24.33
N THR A 93 21.60 -30.44 -24.83
CA THR A 93 22.21 -31.77 -24.89
C THR A 93 23.18 -31.77 -26.07
N CYS A 94 24.42 -31.35 -25.80
CA CYS A 94 25.42 -31.29 -26.86
C CYS A 94 25.71 -32.68 -27.43
N TYR A 95 25.81 -33.68 -26.56
CA TYR A 95 25.87 -35.06 -27.06
C TYR A 95 24.48 -35.49 -27.49
N PRO A 96 24.31 -35.98 -28.71
CA PRO A 96 22.97 -36.34 -29.19
C PRO A 96 22.36 -37.45 -28.33
N GLY A 97 21.05 -37.36 -28.15
CA GLY A 97 20.33 -38.33 -27.36
C GLY A 97 18.96 -37.80 -26.98
N ASP A 98 18.25 -38.64 -26.23
CA ASP A 98 16.89 -38.33 -25.78
C ASP A 98 16.91 -38.05 -24.28
N PHE A 99 16.32 -36.93 -23.88
CA PHE A 99 16.22 -36.55 -22.47
C PHE A 99 14.79 -36.87 -22.02
N ILE A 100 14.67 -37.83 -21.11
CA ILE A 100 13.36 -38.34 -20.71
C ILE A 100 12.67 -37.34 -19.77
N ASP A 101 11.37 -37.16 -19.99
CA ASP A 101 10.54 -36.28 -19.15
C ASP A 101 11.12 -34.86 -19.10
N TYR A 102 11.55 -34.35 -20.24
CA TYR A 102 12.05 -32.98 -20.31
C TYR A 102 10.96 -31.99 -19.93
N GLU A 103 9.78 -32.12 -20.54
CA GLU A 103 8.68 -31.20 -20.26
C GLU A 103 8.23 -31.33 -18.80
N GLU A 104 8.19 -32.56 -18.28
CA GLU A 104 7.82 -32.75 -16.88
C GLU A 104 8.83 -32.11 -15.95
N LEU A 105 10.13 -32.28 -16.23
CA LEU A 105 11.14 -31.69 -15.37
C LEU A 105 11.16 -30.17 -15.48
N ARG A 106 10.88 -29.64 -16.67
CA ARG A 106 10.83 -28.20 -16.85
C ARG A 106 9.73 -27.58 -15.99
N GLU A 107 8.56 -28.22 -15.94
CA GLU A 107 7.47 -27.70 -15.11
C GLU A 107 7.81 -27.79 -13.64
N GLN A 108 8.42 -28.89 -13.20
CA GLN A 108 8.79 -29.03 -11.80
C GLN A 108 9.89 -28.04 -11.39
N LEU A 109 10.74 -27.65 -12.34
CA LEU A 109 11.79 -26.69 -12.08
C LEU A 109 11.36 -25.24 -12.36
N SER A 110 10.11 -25.02 -12.76
CA SER A 110 9.67 -23.68 -13.12
C SER A 110 9.83 -22.71 -11.95
N SER A 111 9.44 -23.12 -10.76
CA SER A 111 9.64 -22.32 -9.56
C SER A 111 10.20 -23.22 -8.46
N VAL A 112 11.26 -22.75 -7.80
CA VAL A 112 11.94 -23.51 -6.77
C VAL A 112 12.19 -22.59 -5.58
N SER A 113 11.87 -23.06 -4.38
CA SER A 113 12.04 -22.25 -3.18
C SER A 113 13.51 -22.15 -2.80
N SER A 114 14.16 -23.29 -2.56
CA SER A 114 15.57 -23.33 -2.21
C SER A 114 16.30 -24.24 -3.18
N PHE A 115 17.49 -23.83 -3.60
CA PHE A 115 18.26 -24.58 -4.60
C PHE A 115 19.73 -24.52 -4.21
N GLU A 116 20.28 -25.65 -3.77
CA GLU A 116 21.67 -25.73 -3.34
C GLU A 116 22.37 -26.86 -4.09
N ARG A 117 23.63 -26.63 -4.45
CA ARG A 117 24.43 -27.59 -5.20
C ARG A 117 25.45 -28.22 -4.26
N PHE A 118 25.28 -29.51 -3.97
CA PHE A 118 26.22 -30.27 -3.18
C PHE A 118 26.79 -31.42 -4.01
N GLU A 119 28.07 -31.72 -3.81
CA GLU A 119 28.73 -32.77 -4.56
C GLU A 119 28.30 -34.12 -3.98
N ILE A 120 27.35 -34.78 -4.65
CA ILE A 120 26.86 -36.06 -4.18
C ILE A 120 27.94 -37.13 -4.24
N PHE A 121 28.64 -37.21 -5.38
CA PHE A 121 29.71 -38.18 -5.59
C PHE A 121 30.98 -37.44 -5.99
N PRO A 122 31.89 -37.18 -5.05
CA PRO A 122 33.09 -36.42 -5.38
C PRO A 122 33.91 -37.10 -6.47
N LYS A 123 34.48 -36.29 -7.36
CA LYS A 123 35.22 -36.82 -8.50
C LYS A 123 36.49 -37.55 -8.05
N THR A 124 37.19 -37.01 -7.04
CA THR A 124 38.52 -37.49 -6.70
C THR A 124 38.53 -38.70 -5.78
N SER A 125 37.40 -39.08 -5.19
CA SER A 125 37.40 -40.13 -4.17
C SER A 125 36.29 -41.17 -4.32
N SER A 126 35.36 -41.01 -5.27
CA SER A 126 34.25 -41.94 -5.37
C SER A 126 34.50 -43.09 -6.33
N TRP A 127 35.43 -42.95 -7.28
CA TRP A 127 35.65 -43.94 -8.32
C TRP A 127 37.13 -44.31 -8.38
N PRO A 128 37.61 -45.07 -7.40
CA PRO A 128 39.02 -45.53 -7.46
C PRO A 128 39.24 -46.63 -8.48
N ASN A 129 38.21 -47.39 -8.83
CA ASN A 129 38.34 -48.50 -9.78
C ASN A 129 38.04 -48.09 -11.22
N HIS A 130 37.65 -46.85 -11.46
CA HIS A 130 37.26 -46.40 -12.78
C HIS A 130 37.90 -45.04 -13.07
N ASP A 131 38.18 -44.80 -14.35
CA ASP A 131 38.84 -43.57 -14.77
C ASP A 131 37.83 -42.44 -14.81
N SER A 132 38.06 -41.40 -14.00
CA SER A 132 37.14 -40.27 -13.89
C SER A 132 37.70 -39.01 -14.54
N ASN A 133 38.64 -39.15 -15.48
CA ASN A 133 39.22 -38.00 -16.15
C ASN A 133 39.26 -38.11 -17.67
N LYS A 134 39.09 -39.30 -18.25
CA LYS A 134 39.04 -39.45 -19.69
C LYS A 134 37.68 -39.17 -20.28
N GLY A 135 36.67 -38.88 -19.44
CA GLY A 135 35.33 -38.67 -19.93
C GLY A 135 35.11 -37.34 -20.62
N VAL A 136 35.75 -37.16 -21.77
CA VAL A 136 35.57 -35.97 -22.59
C VAL A 136 35.34 -36.39 -24.03
N THR A 137 34.70 -35.50 -24.80
CA THR A 137 34.37 -35.79 -26.18
C THR A 137 34.35 -34.49 -26.97
N ALA A 138 34.39 -34.62 -28.30
CA ALA A 138 34.41 -33.46 -29.18
C ALA A 138 33.03 -32.84 -29.36
N ALA A 139 31.96 -33.48 -28.89
CA ALA A 139 30.62 -32.95 -29.04
C ALA A 139 30.30 -31.86 -28.02
N CYS A 140 31.04 -31.78 -26.92
CA CYS A 140 30.81 -30.80 -25.87
C CYS A 140 32.14 -30.11 -25.54
N PRO A 141 32.64 -29.28 -26.45
CA PRO A 141 33.97 -28.68 -26.25
C PRO A 141 33.93 -27.49 -25.31
N HIS A 142 35.08 -27.22 -24.70
CA HIS A 142 35.28 -26.04 -23.87
C HIS A 142 36.62 -25.44 -24.22
N ALA A 143 36.60 -24.20 -24.73
CA ALA A 143 37.81 -23.50 -25.17
C ALA A 143 38.61 -24.34 -26.18
N GLY A 144 37.89 -24.99 -27.09
CA GLY A 144 38.53 -25.85 -28.07
C GLY A 144 38.83 -27.26 -27.62
N ALA A 145 39.38 -27.41 -26.42
CA ALA A 145 39.67 -28.73 -25.87
C ALA A 145 38.38 -29.48 -25.56
N LYS A 146 38.45 -30.80 -25.71
CA LYS A 146 37.29 -31.64 -25.43
C LYS A 146 36.92 -31.60 -23.96
N SER A 147 35.63 -31.49 -23.69
CA SER A 147 35.12 -31.41 -22.32
C SER A 147 33.82 -32.20 -22.24
N PHE A 148 33.09 -32.02 -21.14
CA PHE A 148 31.84 -32.72 -20.91
C PHE A 148 31.01 -31.89 -19.95
N TYR A 149 29.82 -32.41 -19.62
CA TYR A 149 28.98 -31.75 -18.62
C TYR A 149 29.71 -31.69 -17.28
N LYS A 150 29.67 -30.51 -16.64
CA LYS A 150 30.36 -30.35 -15.37
C LYS A 150 29.69 -31.14 -14.25
N ASN A 151 28.37 -31.28 -14.29
CA ASN A 151 27.65 -31.97 -13.24
C ASN A 151 27.66 -33.49 -13.41
N LEU A 152 28.20 -34.00 -14.52
CA LEU A 152 28.23 -35.44 -14.78
C LEU A 152 29.65 -35.88 -15.05
N ILE A 153 29.92 -37.15 -14.79
CA ILE A 153 31.23 -37.75 -15.01
C ILE A 153 31.05 -38.96 -15.90
N TRP A 154 31.74 -38.97 -17.04
CA TRP A 154 31.70 -40.08 -17.99
C TRP A 154 32.77 -41.08 -17.59
N LEU A 155 32.39 -42.07 -16.79
CA LEU A 155 33.33 -43.08 -16.32
C LEU A 155 33.65 -44.06 -17.44
N VAL A 156 34.94 -44.24 -17.71
CA VAL A 156 35.40 -45.23 -18.68
C VAL A 156 36.22 -46.27 -17.94
N LYS A 157 36.69 -47.29 -18.65
CA LYS A 157 37.53 -48.31 -18.03
C LYS A 157 38.83 -47.68 -17.56
N LYS A 158 39.22 -48.01 -16.32
CA LYS A 158 40.46 -47.49 -15.74
C LYS A 158 41.61 -48.36 -16.25
N GLY A 159 42.14 -48.01 -17.41
CA GLY A 159 43.14 -48.83 -18.06
C GLY A 159 42.50 -49.84 -19.00
N ASN A 160 42.33 -51.07 -18.53
CA ASN A 160 41.69 -52.11 -19.31
C ASN A 160 40.76 -52.97 -18.44
N SER A 161 40.21 -52.39 -17.38
CA SER A 161 39.32 -53.12 -16.48
C SER A 161 38.19 -52.22 -16.03
N TYR A 162 36.96 -52.75 -16.08
CA TYR A 162 35.77 -52.05 -15.60
C TYR A 162 35.04 -53.00 -14.66
N PRO A 163 35.45 -53.07 -13.40
CA PRO A 163 34.75 -53.93 -12.45
C PRO A 163 33.35 -53.42 -12.17
N LYS A 164 32.50 -54.34 -11.71
CA LYS A 164 31.12 -53.99 -11.39
C LYS A 164 31.08 -52.86 -10.36
N LEU A 165 30.29 -51.84 -10.65
CA LEU A 165 30.27 -50.62 -9.87
C LEU A 165 29.01 -50.55 -9.01
N SER A 166 29.19 -50.16 -7.75
CA SER A 166 28.07 -49.99 -6.84
C SER A 166 28.40 -48.87 -5.86
N LYS A 167 27.55 -47.84 -5.83
CA LYS A 167 27.71 -46.73 -4.90
C LYS A 167 26.34 -46.15 -4.61
N SER A 168 26.10 -45.80 -3.34
CA SER A 168 24.80 -45.36 -2.89
C SER A 168 24.91 -44.03 -2.17
N TYR A 169 23.82 -43.25 -2.26
CA TYR A 169 23.69 -41.99 -1.53
C TYR A 169 22.36 -41.98 -0.80
N ILE A 170 22.37 -41.46 0.43
CA ILE A 170 21.18 -41.32 1.25
C ILE A 170 20.88 -39.85 1.40
N ASN A 171 19.64 -39.46 1.10
CA ASN A 171 19.23 -38.06 1.22
C ASN A 171 19.34 -37.60 2.66
N ASP A 172 20.30 -36.72 2.95
CA ASP A 172 20.57 -36.25 4.30
C ASP A 172 20.50 -34.74 4.41
N LYS A 173 19.76 -34.09 3.51
CA LYS A 173 19.67 -32.63 3.51
C LYS A 173 18.29 -32.12 3.90
N GLY A 174 17.32 -32.99 4.09
CA GLY A 174 15.99 -32.59 4.53
C GLY A 174 15.06 -32.16 3.42
N LYS A 175 15.55 -32.00 2.19
CA LYS A 175 14.75 -31.57 1.06
C LYS A 175 14.81 -32.63 -0.03
N GLU A 176 13.90 -32.51 -1.00
CA GLU A 176 13.92 -33.39 -2.16
C GLU A 176 15.17 -33.12 -2.99
N VAL A 177 15.83 -34.20 -3.41
CA VAL A 177 17.08 -34.13 -4.14
C VAL A 177 16.85 -34.58 -5.58
N LEU A 178 17.24 -33.74 -6.53
CA LEU A 178 17.13 -34.06 -7.94
C LEU A 178 18.43 -34.69 -8.41
N VAL A 179 18.35 -35.93 -8.90
CA VAL A 179 19.51 -36.69 -9.35
C VAL A 179 19.36 -36.96 -10.84
N LEU A 180 20.39 -36.63 -11.60
CA LEU A 180 20.41 -36.80 -13.05
C LEU A 180 21.54 -37.73 -13.45
N TRP A 181 21.26 -38.62 -14.40
CA TRP A 181 22.27 -39.55 -14.90
C TRP A 181 21.94 -39.87 -16.36
N GLY A 182 22.96 -40.37 -17.07
CA GLY A 182 22.81 -40.66 -18.47
C GLY A 182 23.31 -42.05 -18.82
N ILE A 183 22.78 -42.57 -19.92
CA ILE A 183 23.14 -43.88 -20.45
C ILE A 183 23.66 -43.70 -21.86
N HIS A 184 24.85 -44.23 -22.14
CA HIS A 184 25.48 -44.07 -23.44
C HIS A 184 25.27 -45.32 -24.27
N HIS A 185 24.91 -45.13 -25.54
CA HIS A 185 24.74 -46.24 -26.48
C HIS A 185 25.84 -46.18 -27.52
N PRO A 186 26.84 -47.06 -27.47
CA PRO A 186 27.95 -47.00 -28.42
C PRO A 186 27.49 -47.33 -29.83
N SER A 187 28.26 -46.83 -30.80
CA SER A 187 27.93 -47.06 -32.20
C SER A 187 28.34 -48.46 -32.66
N THR A 188 29.52 -48.93 -32.27
CA THR A 188 30.05 -50.21 -32.71
C THR A 188 30.45 -51.05 -31.50
N SER A 189 30.60 -52.35 -31.74
CA SER A 189 31.04 -53.25 -30.68
C SER A 189 32.47 -52.94 -30.24
N ALA A 190 33.32 -52.48 -31.17
CA ALA A 190 34.66 -52.06 -30.80
C ALA A 190 34.62 -50.87 -29.84
N ASP A 191 33.71 -49.94 -30.08
CA ASP A 191 33.54 -48.81 -29.17
C ASP A 191 33.09 -49.29 -27.78
N GLN A 192 32.22 -50.29 -27.75
CA GLN A 192 31.76 -50.85 -26.48
C GLN A 192 32.93 -51.42 -25.67
N GLN A 193 33.83 -52.15 -26.34
CA GLN A 193 35.00 -52.71 -25.67
C GLN A 193 36.08 -51.66 -25.44
N SER A 194 36.08 -50.56 -26.20
CA SER A 194 37.13 -49.56 -26.07
C SER A 194 36.95 -48.69 -24.83
N LEU A 195 35.71 -48.50 -24.38
CA LEU A 195 35.44 -47.62 -23.24
C LEU A 195 35.09 -48.36 -21.96
N TYR A 196 34.46 -49.53 -22.05
CA TYR A 196 34.02 -50.26 -20.87
C TYR A 196 34.56 -51.68 -20.79
N GLN A 197 35.24 -52.16 -21.83
CA GLN A 197 35.99 -53.43 -21.81
C GLN A 197 35.08 -54.65 -21.76
N ASN A 198 33.76 -54.44 -21.61
CA ASN A 198 32.80 -55.53 -21.57
C ASN A 198 31.86 -55.40 -22.75
N ALA A 199 31.79 -56.46 -23.57
CA ALA A 199 30.87 -56.45 -24.70
C ALA A 199 29.43 -56.37 -24.24
N ASP A 200 29.10 -57.06 -23.16
CA ASP A 200 27.77 -57.03 -22.56
C ASP A 200 27.83 -56.32 -21.21
N THR A 201 26.99 -55.29 -21.04
CA THR A 201 26.87 -54.55 -19.80
C THR A 201 25.41 -54.27 -19.50
N TYR A 202 25.12 -54.05 -18.22
CA TYR A 202 23.78 -53.69 -17.77
C TYR A 202 23.88 -52.55 -16.76
N VAL A 203 22.84 -51.73 -16.72
CA VAL A 203 22.76 -50.61 -15.78
C VAL A 203 21.43 -50.69 -15.06
N PHE A 204 21.46 -50.59 -13.73
CA PHE A 204 20.27 -50.62 -12.91
C PHE A 204 20.30 -49.46 -11.92
N VAL A 205 19.20 -48.72 -11.84
CA VAL A 205 19.02 -47.65 -10.86
C VAL A 205 17.80 -47.99 -10.01
N GLY A 206 17.98 -48.00 -8.70
CA GLY A 206 16.90 -48.38 -7.81
C GLY A 206 16.79 -47.52 -6.57
N SER A 207 15.56 -47.19 -6.19
CA SER A 207 15.28 -46.43 -4.98
C SER A 207 14.01 -47.01 -4.35
N SER A 208 13.45 -46.27 -3.39
CA SER A 208 12.23 -46.72 -2.72
C SER A 208 11.03 -46.74 -3.66
N ARG A 209 11.09 -46.00 -4.77
CA ARG A 209 9.96 -45.93 -5.69
C ARG A 209 10.38 -46.23 -7.12
N TYR A 210 11.64 -45.97 -7.45
CA TYR A 210 12.15 -46.13 -8.81
C TYR A 210 12.83 -47.48 -8.95
N SER A 211 12.53 -48.18 -10.05
CA SER A 211 13.13 -49.48 -10.34
C SER A 211 13.12 -49.69 -11.84
N LYS A 212 14.29 -49.59 -12.46
CA LYS A 212 14.41 -49.77 -13.90
C LYS A 212 15.82 -50.26 -14.23
N LYS A 213 15.89 -51.23 -15.13
CA LYS A 213 17.16 -51.76 -15.62
C LYS A 213 17.33 -51.40 -17.09
N PHE A 214 18.47 -50.82 -17.42
CA PHE A 214 18.75 -50.36 -18.78
C PHE A 214 19.65 -51.35 -19.50
N LYS A 215 19.60 -51.28 -20.83
CA LYS A 215 20.44 -52.14 -21.67
C LYS A 215 20.95 -51.33 -22.86
N PRO A 216 22.26 -51.19 -23.02
CA PRO A 216 22.78 -50.42 -24.15
C PRO A 216 22.37 -51.03 -25.49
N GLU A 217 22.06 -50.15 -26.44
CA GLU A 217 21.71 -50.53 -27.80
C GLU A 217 22.84 -50.10 -28.72
N ILE A 218 23.69 -51.04 -29.09
CA ILE A 218 24.89 -50.74 -29.87
C ILE A 218 24.53 -50.75 -31.35
N ALA A 219 24.53 -49.58 -31.96
CA ALA A 219 24.26 -49.43 -33.38
C ALA A 219 24.72 -48.04 -33.81
N ILE A 220 25.12 -47.93 -35.07
CA ILE A 220 25.60 -46.65 -35.60
C ILE A 220 24.41 -45.80 -36.01
N ARG A 221 24.46 -44.52 -35.65
CA ARG A 221 23.43 -43.55 -35.99
C ARG A 221 24.00 -42.48 -36.92
N PRO A 222 23.15 -41.78 -37.66
CA PRO A 222 23.64 -40.66 -38.47
C PRO A 222 24.32 -39.62 -37.59
N LYS A 223 25.37 -39.01 -38.12
CA LYS A 223 26.20 -38.11 -37.34
C LYS A 223 25.42 -36.88 -36.91
N VAL A 224 25.35 -36.65 -35.60
CA VAL A 224 24.77 -35.45 -35.02
C VAL A 224 25.85 -34.81 -34.16
N ARG A 225 26.32 -33.63 -34.57
CA ARG A 225 27.47 -32.98 -33.94
C ARG A 225 28.67 -33.93 -33.90
N ASP A 226 28.91 -34.61 -35.02
CA ASP A 226 30.05 -35.50 -35.21
C ASP A 226 30.01 -36.71 -34.26
N GLN A 227 28.81 -37.10 -33.82
CA GLN A 227 28.63 -38.27 -32.97
C GLN A 227 27.68 -39.25 -33.62
N GLU A 228 28.05 -40.53 -33.63
CA GLU A 228 27.18 -41.59 -34.09
C GLU A 228 26.60 -42.41 -32.95
N GLY A 229 27.08 -42.20 -31.72
CA GLY A 229 26.46 -42.81 -30.56
C GLY A 229 25.45 -41.90 -29.92
N ARG A 230 24.56 -42.49 -29.11
CA ARG A 230 23.49 -41.76 -28.45
C ARG A 230 23.66 -41.84 -26.94
N MET A 231 23.20 -40.78 -26.26
CA MET A 231 23.28 -40.69 -24.81
C MET A 231 21.90 -40.31 -24.27
N ASN A 232 21.23 -41.26 -23.63
CA ASN A 232 19.91 -41.02 -23.05
C ASN A 232 20.06 -40.61 -21.59
N TYR A 233 19.52 -39.44 -21.25
CA TYR A 233 19.63 -38.90 -19.90
C TYR A 233 18.34 -39.19 -19.12
N TYR A 234 18.51 -39.39 -17.82
CA TYR A 234 17.38 -39.72 -16.95
C TYR A 234 17.47 -38.89 -15.68
N TRP A 235 16.34 -38.78 -14.98
CA TRP A 235 16.28 -38.04 -13.72
C TRP A 235 15.22 -38.65 -12.82
N THR A 236 15.35 -38.36 -11.53
CA THR A 236 14.38 -38.79 -10.53
C THR A 236 14.51 -37.88 -9.32
N LEU A 237 13.50 -37.95 -8.44
CA LEU A 237 13.48 -37.18 -7.20
C LEU A 237 13.59 -38.11 -6.02
N VAL A 238 14.46 -37.77 -5.07
CA VAL A 238 14.69 -38.58 -3.88
C VAL A 238 14.13 -37.84 -2.68
N GLU A 239 13.15 -38.47 -2.01
CA GLU A 239 12.55 -37.86 -0.83
C GLU A 239 13.49 -37.97 0.36
N PRO A 240 13.30 -37.14 1.39
CA PRO A 240 14.12 -37.26 2.60
C PRO A 240 13.98 -38.65 3.23
N GLY A 241 15.08 -39.14 3.77
CA GLY A 241 15.08 -40.49 4.34
C GLY A 241 15.02 -41.59 3.32
N ASP A 242 15.63 -41.40 2.16
CA ASP A 242 15.61 -42.38 1.08
C ASP A 242 17.02 -42.55 0.52
N LYS A 243 17.27 -43.73 -0.04
CA LYS A 243 18.57 -44.07 -0.62
C LYS A 243 18.42 -44.38 -2.10
N ILE A 244 19.36 -43.89 -2.90
CA ILE A 244 19.42 -44.17 -4.32
C ILE A 244 20.67 -45.01 -4.59
N THR A 245 20.49 -46.12 -5.31
CA THR A 245 21.56 -47.08 -5.56
C THR A 245 21.84 -47.16 -7.05
N PHE A 246 23.12 -47.10 -7.41
CA PHE A 246 23.56 -47.24 -8.79
C PHE A 246 24.34 -48.54 -8.94
N GLU A 247 24.06 -49.26 -10.03
CA GLU A 247 24.71 -50.53 -10.31
C GLU A 247 24.91 -50.68 -11.81
N ALA A 248 26.14 -50.90 -12.23
CA ALA A 248 26.44 -51.07 -13.64
C ALA A 248 27.80 -51.73 -13.82
N THR A 249 27.92 -52.51 -14.89
CA THR A 249 29.20 -53.05 -15.33
C THR A 249 29.79 -52.24 -16.48
N GLY A 250 29.19 -51.11 -16.81
CA GLY A 250 29.65 -50.28 -17.91
C GLY A 250 28.52 -49.46 -18.48
N ASN A 251 28.87 -48.56 -19.39
CA ASN A 251 27.92 -47.70 -20.09
C ASN A 251 27.07 -46.88 -19.11
N LEU A 252 27.72 -46.34 -18.08
CA LEU A 252 27.04 -45.54 -17.07
C LEU A 252 27.75 -44.20 -16.93
N VAL A 253 26.97 -43.11 -16.91
CA VAL A 253 27.47 -41.77 -16.66
C VAL A 253 27.06 -41.42 -15.24
N VAL A 254 28.01 -41.50 -14.30
CA VAL A 254 27.72 -41.31 -12.88
C VAL A 254 27.50 -39.83 -12.58
N PRO A 255 26.62 -39.50 -11.63
CA PRO A 255 26.45 -38.10 -11.25
C PRO A 255 27.66 -37.57 -10.49
N ARG A 256 27.85 -36.25 -10.59
CA ARG A 256 28.87 -35.56 -9.82
C ARG A 256 28.29 -34.51 -8.88
N TYR A 257 27.35 -33.71 -9.36
CA TYR A 257 26.67 -32.70 -8.55
C TYR A 257 25.18 -33.03 -8.46
N ALA A 258 24.60 -32.81 -7.29
CA ALA A 258 23.18 -33.03 -7.06
C ALA A 258 22.58 -31.78 -6.43
N PHE A 259 21.28 -31.59 -6.67
CA PHE A 259 20.57 -30.40 -6.22
C PHE A 259 19.52 -30.79 -5.20
N ALA A 260 19.52 -30.10 -4.06
CA ALA A 260 18.47 -30.23 -3.06
C ALA A 260 17.51 -29.07 -3.25
N MET A 261 16.23 -29.38 -3.43
CA MET A 261 15.27 -28.36 -3.83
C MET A 261 13.91 -28.64 -3.22
N GLU A 262 13.09 -27.60 -3.18
CA GLU A 262 11.68 -27.68 -2.78
C GLU A 262 10.86 -27.02 -3.87
N ARG A 263 10.05 -27.81 -4.58
CA ARG A 263 9.27 -27.27 -5.69
C ARG A 263 8.22 -26.29 -5.19
N ASN A 264 8.05 -25.21 -5.92
CA ASN A 264 6.95 -24.27 -5.70
C ASN A 264 5.81 -24.61 -6.65
N ALA A 265 4.60 -24.74 -6.09
CA ALA A 265 3.47 -25.16 -6.89
C ALA A 265 3.13 -24.10 -7.95
N GLY A 266 3.02 -24.54 -9.19
CA GLY A 266 2.65 -23.64 -10.27
C GLY A 266 3.84 -23.08 -11.03
N SER A 267 3.66 -21.87 -11.58
CA SER A 267 4.67 -21.15 -12.36
C SER A 267 5.02 -21.87 -13.65
N GLY A 268 5.55 -21.11 -14.62
CA GLY A 268 5.88 -21.67 -15.92
C GLY A 268 7.20 -21.18 -16.46
N ILE A 269 7.35 -21.23 -17.78
CA ILE A 269 8.60 -20.85 -18.44
C ILE A 269 8.27 -19.86 -19.55
N ILE A 270 8.97 -18.73 -19.56
CA ILE A 270 8.75 -17.68 -20.54
C ILE A 270 9.86 -17.76 -21.58
N ILE A 271 9.46 -17.79 -22.85
CA ILE A 271 10.39 -17.89 -23.98
C ILE A 271 10.26 -16.60 -24.77
N SER A 272 11.18 -15.65 -24.51
CA SER A 272 11.15 -14.37 -25.19
C SER A 272 12.54 -13.74 -25.09
N ASP A 273 12.77 -12.75 -25.95
CA ASP A 273 14.05 -12.02 -26.00
C ASP A 273 14.02 -10.75 -25.14
N THR A 274 12.96 -10.53 -24.39
CA THR A 274 12.84 -9.32 -23.58
C THR A 274 13.87 -9.35 -22.45
N PRO A 275 14.62 -8.27 -22.22
CA PRO A 275 15.59 -8.27 -21.13
C PRO A 275 14.91 -8.19 -19.76
N VAL A 276 15.69 -8.50 -18.73
CA VAL A 276 15.22 -8.58 -17.36
C VAL A 276 15.77 -7.40 -16.56
N HIS A 277 14.91 -6.78 -15.75
CA HIS A 277 15.29 -5.68 -14.90
C HIS A 277 14.97 -6.02 -13.44
N ASP A 278 15.11 -5.03 -12.56
CA ASP A 278 15.04 -5.26 -11.13
C ASP A 278 13.92 -4.49 -10.45
N CYS A 279 12.71 -4.55 -10.99
CA CYS A 279 11.53 -3.98 -10.36
C CYS A 279 10.48 -5.08 -10.18
N ASN A 280 9.76 -5.01 -9.05
CA ASN A 280 8.79 -6.06 -8.72
C ASN A 280 7.56 -5.93 -9.60
N THR A 281 6.84 -7.05 -9.75
CA THR A 281 5.57 -7.07 -10.46
C THR A 281 4.73 -8.21 -9.94
N THR A 282 3.42 -8.10 -10.17
CA THR A 282 2.47 -9.15 -9.82
C THR A 282 1.98 -9.94 -11.04
N CYS A 283 2.32 -9.50 -12.24
CA CYS A 283 1.93 -10.19 -13.47
C CYS A 283 3.04 -10.03 -14.49
N GLN A 284 3.31 -11.09 -15.25
CA GLN A 284 4.40 -11.08 -16.21
C GLN A 284 3.95 -11.75 -17.50
N THR A 285 4.35 -11.16 -18.62
CA THR A 285 4.11 -11.68 -19.97
C THR A 285 5.42 -11.70 -20.72
N PRO A 286 5.53 -12.53 -21.77
CA PRO A 286 6.76 -12.53 -22.56
C PRO A 286 7.10 -11.19 -23.16
N LYS A 287 6.11 -10.39 -23.55
CA LYS A 287 6.37 -9.05 -24.07
C LYS A 287 6.71 -8.05 -22.99
N GLY A 288 6.43 -8.36 -21.73
CA GLY A 288 6.73 -7.47 -20.63
C GLY A 288 5.67 -7.56 -19.54
N ALA A 289 6.04 -7.12 -18.34
CA ALA A 289 5.12 -7.18 -17.21
C ALA A 289 4.06 -6.08 -17.32
N ILE A 290 2.99 -6.26 -16.55
CA ILE A 290 1.92 -5.27 -16.45
C ILE A 290 1.61 -5.04 -14.98
N ASN A 291 1.46 -3.78 -14.60
CA ASN A 291 1.07 -3.39 -13.25
C ASN A 291 -0.29 -2.70 -13.35
N THR A 292 -1.34 -3.52 -13.30
CA THR A 292 -2.70 -3.03 -13.52
C THR A 292 -3.67 -3.77 -12.62
N SER A 293 -4.81 -3.12 -12.37
CA SER A 293 -5.92 -3.74 -11.65
C SER A 293 -7.16 -3.88 -12.52
N LEU A 294 -7.08 -3.53 -13.79
CA LEU A 294 -8.20 -3.72 -14.70
C LEU A 294 -8.46 -5.22 -14.90
N PRO A 295 -9.72 -5.62 -15.12
CA PRO A 295 -10.04 -7.04 -15.24
C PRO A 295 -9.74 -7.65 -16.61
N PHE A 296 -9.31 -6.85 -17.59
CA PHE A 296 -9.10 -7.35 -18.94
C PHE A 296 -7.76 -6.85 -19.48
N GLN A 297 -7.19 -7.63 -20.39
CA GLN A 297 -5.95 -7.26 -21.07
C GLN A 297 -5.94 -7.91 -22.45
N ASN A 298 -5.12 -7.34 -23.33
CA ASN A 298 -5.02 -7.84 -24.69
C ASN A 298 -3.58 -7.84 -25.20
N ILE A 299 -2.62 -7.95 -24.29
CA ILE A 299 -1.21 -7.92 -24.67
C ILE A 299 -0.72 -9.30 -25.08
N HIS A 300 -0.93 -10.30 -24.24
CA HIS A 300 -0.43 -11.65 -24.52
C HIS A 300 -1.31 -12.66 -23.79
N PRO A 301 -1.76 -13.72 -24.48
CA PRO A 301 -2.60 -14.73 -23.81
C PRO A 301 -1.83 -15.63 -22.85
N ILE A 302 -0.51 -15.63 -22.88
CA ILE A 302 0.30 -16.47 -22.00
C ILE A 302 0.87 -15.58 -20.91
N THR A 303 0.42 -15.79 -19.67
CA THR A 303 0.85 -15.00 -18.53
C THR A 303 1.16 -15.91 -17.36
N ILE A 304 1.95 -15.38 -16.42
CA ILE A 304 2.27 -16.08 -15.18
C ILE A 304 1.99 -15.13 -14.02
N GLY A 305 1.21 -15.59 -13.06
CA GLY A 305 0.90 -14.83 -11.86
C GLY A 305 -0.56 -14.38 -11.83
N LYS A 306 -0.85 -13.52 -10.86
CA LYS A 306 -2.18 -12.94 -10.70
C LYS A 306 -2.39 -11.93 -11.83
N CYS A 307 -3.11 -12.35 -12.86
CA CYS A 307 -3.22 -11.56 -14.09
C CYS A 307 -4.67 -11.41 -14.52
N PRO A 308 -4.99 -10.35 -15.23
CA PRO A 308 -6.35 -10.20 -15.77
C PRO A 308 -6.59 -11.16 -16.93
N LYS A 309 -7.87 -11.29 -17.29
CA LYS A 309 -8.24 -12.16 -18.39
C LYS A 309 -7.83 -11.54 -19.72
N TYR A 310 -7.48 -12.40 -20.68
CA TYR A 310 -7.04 -11.98 -22.00
C TYR A 310 -8.23 -11.98 -22.95
N VAL A 311 -8.38 -10.89 -23.71
CA VAL A 311 -9.48 -10.74 -24.66
C VAL A 311 -8.94 -10.24 -25.98
N LYS A 312 -9.71 -10.49 -27.04
CA LYS A 312 -9.41 -9.98 -28.38
C LYS A 312 -9.91 -8.56 -28.59
N SER A 313 -10.56 -7.96 -27.59
CA SER A 313 -11.17 -6.65 -27.76
C SER A 313 -10.12 -5.58 -28.01
N THR A 314 -10.49 -4.61 -28.84
CA THR A 314 -9.62 -3.50 -29.20
C THR A 314 -9.88 -2.25 -28.35
N LYS A 315 -11.14 -1.91 -28.11
CA LYS A 315 -11.50 -0.72 -27.34
C LYS A 315 -12.65 -1.07 -26.42
N LEU A 316 -12.40 -1.06 -25.11
CA LEU A 316 -13.43 -1.28 -24.10
C LEU A 316 -13.51 0.00 -23.26
N ARG A 317 -14.33 0.95 -23.72
CA ARG A 317 -14.49 2.23 -23.07
C ARG A 317 -15.85 2.26 -22.38
N LEU A 318 -15.85 2.40 -21.05
CA LEU A 318 -17.07 2.43 -20.27
C LEU A 318 -17.42 3.87 -19.95
N ALA A 319 -18.59 4.31 -20.42
CA ALA A 319 -19.01 5.69 -20.21
C ALA A 319 -19.47 5.89 -18.77
N THR A 320 -18.96 6.94 -18.14
CA THR A 320 -19.36 7.31 -16.79
C THR A 320 -20.19 8.59 -16.74
N GLY A 321 -19.90 9.55 -17.62
CA GLY A 321 -20.69 10.76 -17.72
C GLY A 321 -21.86 10.60 -18.67
N LEU A 322 -22.55 11.71 -18.89
CA LEU A 322 -23.71 11.72 -19.78
C LEU A 322 -23.30 12.14 -21.19
N ARG A 323 -24.25 12.07 -22.11
CA ARG A 323 -23.99 12.40 -23.50
C ARG A 323 -23.57 13.86 -23.62
N ASN A 324 -22.38 14.08 -24.18
CA ASN A 324 -21.87 15.43 -24.35
C ASN A 324 -22.62 16.12 -25.48
N ILE A 325 -23.36 17.19 -25.14
CA ILE A 325 -24.05 17.99 -26.14
C ILE A 325 -23.68 19.46 -25.94
N PRO A 326 -22.46 19.87 -26.23
CA PRO A 326 -22.12 21.30 -26.18
C PRO A 326 -22.47 22.05 -27.45
N SER A 327 -23.01 21.36 -28.45
CA SER A 327 -23.25 21.97 -29.76
C SER A 327 -24.20 23.16 -29.62
N ILE A 328 -23.78 24.30 -30.18
CA ILE A 328 -24.62 25.50 -30.14
C ILE A 328 -25.85 25.32 -31.02
N ALA A 329 -25.76 24.51 -32.07
CA ALA A 329 -26.87 24.28 -32.97
C ALA A 329 -26.67 22.99 -33.75
N GLY B 1 -32.91 9.58 -26.12
CA GLY B 1 -33.05 9.33 -24.70
C GLY B 1 -34.26 8.48 -24.35
N LEU B 2 -34.07 7.56 -23.40
CA LEU B 2 -35.17 6.70 -22.98
C LEU B 2 -36.26 7.48 -22.26
N PHE B 3 -35.85 8.41 -21.39
CA PHE B 3 -36.81 9.22 -20.64
C PHE B 3 -37.12 10.55 -21.30
N GLY B 4 -36.50 10.86 -22.43
CA GLY B 4 -36.85 12.04 -23.19
C GLY B 4 -36.39 13.35 -22.60
N ALA B 5 -35.52 13.33 -21.60
CA ALA B 5 -35.03 14.56 -21.00
C ALA B 5 -33.71 15.01 -21.64
N ILE B 6 -32.69 14.17 -21.57
CA ILE B 6 -31.42 14.47 -22.21
C ILE B 6 -31.58 14.30 -23.72
N ALA B 7 -31.21 15.34 -24.47
CA ALA B 7 -31.44 15.43 -25.92
C ALA B 7 -32.92 15.33 -26.27
N GLY B 8 -33.80 15.57 -25.30
CA GLY B 8 -35.23 15.52 -25.51
C GLY B 8 -35.87 16.88 -25.37
N PHE B 9 -36.67 17.08 -24.31
CA PHE B 9 -37.26 18.39 -24.08
C PHE B 9 -36.26 19.39 -23.50
N ILE B 10 -35.12 18.92 -23.00
CA ILE B 10 -33.98 19.77 -22.70
C ILE B 10 -32.98 19.54 -23.84
N GLU B 11 -32.94 20.47 -24.80
CA GLU B 11 -32.28 20.21 -26.07
C GLU B 11 -30.77 20.03 -25.90
N GLY B 12 -30.13 20.86 -25.09
CA GLY B 12 -28.69 20.84 -24.99
C GLY B 12 -28.22 21.00 -23.56
N GLY B 13 -26.94 20.67 -23.35
CA GLY B 13 -26.33 20.80 -22.05
C GLY B 13 -25.70 22.17 -21.83
N TRP B 14 -25.20 22.36 -20.62
CA TRP B 14 -24.61 23.64 -20.20
C TRP B 14 -23.13 23.44 -19.93
N THR B 15 -22.29 24.16 -20.69
CA THR B 15 -20.87 24.20 -20.37
C THR B 15 -20.56 25.20 -19.26
N GLY B 16 -21.47 26.11 -18.97
CA GLY B 16 -21.27 27.05 -17.87
C GLY B 16 -21.39 26.42 -16.51
N MET B 17 -21.97 25.23 -16.43
CA MET B 17 -22.05 24.47 -15.18
C MET B 17 -20.93 23.43 -15.19
N VAL B 18 -19.91 23.67 -14.36
CA VAL B 18 -18.75 22.79 -14.30
C VAL B 18 -18.61 22.08 -12.96
N ASP B 19 -19.39 22.48 -11.95
CA ASP B 19 -19.28 21.91 -10.62
C ASP B 19 -20.12 20.64 -10.43
N GLY B 20 -20.89 20.23 -11.43
CA GLY B 20 -21.71 19.05 -11.26
C GLY B 20 -22.25 18.57 -12.59
N TRP B 21 -22.96 17.44 -12.52
CA TRP B 21 -23.57 16.82 -13.69
C TRP B 21 -24.92 17.45 -14.01
N TYR B 22 -25.78 17.58 -13.01
CA TYR B 22 -27.10 18.17 -13.16
C TYR B 22 -27.23 19.38 -12.26
N GLY B 23 -27.95 20.39 -12.73
CA GLY B 23 -28.12 21.61 -11.95
C GLY B 23 -29.10 22.60 -12.55
N TYR B 24 -28.86 23.88 -12.32
CA TYR B 24 -29.82 24.92 -12.63
C TYR B 24 -29.14 26.14 -13.23
N HIS B 25 -29.90 26.88 -14.03
CA HIS B 25 -29.56 28.23 -14.45
C HIS B 25 -30.68 29.16 -13.99
N HIS B 26 -30.33 30.09 -13.11
CA HIS B 26 -31.31 31.00 -12.53
C HIS B 26 -31.20 32.39 -13.16
N GLN B 27 -32.26 33.17 -13.00
CA GLN B 27 -32.29 34.53 -13.52
C GLN B 27 -33.24 35.37 -12.68
N ASN B 28 -32.75 36.47 -12.16
CA ASN B 28 -33.57 37.40 -11.38
C ASN B 28 -32.95 38.79 -11.49
N GLU B 29 -33.44 39.71 -10.69
CA GLU B 29 -32.88 41.06 -10.70
C GLU B 29 -31.46 41.07 -10.13
N GLN B 30 -31.15 40.16 -9.21
CA GLN B 30 -29.81 40.11 -8.63
C GLN B 30 -28.76 39.59 -9.60
N GLY B 31 -29.17 39.04 -10.74
CA GLY B 31 -28.26 38.59 -11.76
C GLY B 31 -28.70 37.25 -12.33
N SER B 32 -27.73 36.52 -12.86
CA SER B 32 -27.97 35.20 -13.40
C SER B 32 -26.67 34.40 -13.32
N GLY B 33 -26.81 33.08 -13.35
CA GLY B 33 -25.64 32.22 -13.31
C GLY B 33 -26.05 30.76 -13.26
N TYR B 34 -25.03 29.90 -13.26
CA TYR B 34 -25.22 28.46 -13.24
C TYR B 34 -24.88 27.89 -11.86
N ALA B 35 -25.64 26.89 -11.43
CA ALA B 35 -25.38 26.17 -10.20
C ALA B 35 -25.77 24.72 -10.37
N ALA B 36 -25.08 23.84 -9.66
CA ALA B 36 -25.30 22.40 -9.76
C ALA B 36 -26.06 21.90 -8.54
N ASP B 37 -27.03 21.00 -8.77
CA ASP B 37 -27.80 20.42 -7.69
C ASP B 37 -26.93 19.39 -6.97
N LEU B 38 -26.53 19.71 -5.73
CA LEU B 38 -25.60 18.85 -5.00
C LEU B 38 -26.21 17.49 -4.70
N LYS B 39 -27.50 17.47 -4.35
CA LYS B 39 -28.13 16.21 -3.93
C LYS B 39 -28.21 15.21 -5.07
N SER B 40 -28.71 15.64 -6.23
CA SER B 40 -28.89 14.71 -7.34
C SER B 40 -27.55 14.34 -7.98
N THR B 41 -26.59 15.27 -8.00
CA THR B 41 -25.29 14.97 -8.61
C THR B 41 -24.53 13.92 -7.81
N GLN B 42 -24.49 14.07 -6.48
CA GLN B 42 -23.73 13.13 -5.67
C GLN B 42 -24.36 11.74 -5.69
N ASN B 43 -25.69 11.68 -5.71
CA ASN B 43 -26.36 10.39 -5.74
C ASN B 43 -26.16 9.67 -7.06
N ALA B 44 -25.89 10.40 -8.15
CA ALA B 44 -25.56 9.77 -9.41
C ALA B 44 -24.10 9.34 -9.48
N ILE B 45 -23.21 10.12 -8.86
CA ILE B 45 -21.79 9.74 -8.85
C ILE B 45 -21.59 8.45 -8.06
N ASP B 46 -22.30 8.30 -6.94
CA ASP B 46 -22.18 7.10 -6.13
C ASP B 46 -22.62 5.86 -6.91
N GLY B 47 -23.72 5.96 -7.64
CA GLY B 47 -24.18 4.82 -8.43
C GLY B 47 -23.20 4.44 -9.52
N ILE B 48 -22.65 5.43 -10.23
CA ILE B 48 -21.68 5.15 -11.28
C ILE B 48 -20.42 4.54 -10.70
N THR B 49 -19.92 5.09 -9.59
CA THR B 49 -18.72 4.54 -8.97
C THR B 49 -18.96 3.11 -8.49
N ASN B 50 -20.12 2.84 -7.89
CA ASN B 50 -20.48 1.48 -7.53
C ASN B 50 -20.55 0.60 -8.78
N LYS B 51 -21.06 1.14 -9.88
CA LYS B 51 -21.13 0.39 -11.13
C LYS B 51 -19.74 0.03 -11.63
N VAL B 52 -18.81 0.99 -11.60
CA VAL B 52 -17.44 0.70 -12.02
C VAL B 52 -16.77 -0.27 -11.05
N ASN B 53 -16.96 -0.06 -9.75
CA ASN B 53 -16.36 -0.94 -8.76
C ASN B 53 -16.91 -2.37 -8.89
N SER B 54 -18.21 -2.48 -9.16
CA SER B 54 -18.82 -3.81 -9.28
C SER B 54 -18.21 -4.59 -10.43
N VAL B 55 -17.97 -3.94 -11.56
CA VAL B 55 -17.40 -4.62 -12.72
C VAL B 55 -15.99 -5.10 -12.42
N ILE B 56 -15.21 -4.31 -11.70
CA ILE B 56 -13.81 -4.61 -11.46
C ILE B 56 -13.63 -5.53 -10.26
N GLU B 57 -14.23 -5.19 -9.12
CA GLU B 57 -13.94 -5.91 -7.87
C GLU B 57 -14.48 -7.33 -7.90
N LYS B 58 -15.60 -7.58 -8.60
CA LYS B 58 -16.13 -8.93 -8.67
C LYS B 58 -15.20 -9.87 -9.43
N MET B 59 -14.26 -9.35 -10.20
CA MET B 59 -13.25 -10.15 -10.89
C MET B 59 -12.08 -10.37 -9.93
N ASN B 60 -12.03 -11.55 -9.31
CA ASN B 60 -10.94 -11.91 -8.42
C ASN B 60 -10.26 -13.15 -8.96
N THR B 61 -8.94 -13.07 -9.12
CA THR B 61 -8.14 -14.14 -9.70
C THR B 61 -7.06 -14.60 -8.70
N GLN B 62 -6.33 -15.63 -9.09
CA GLN B 62 -5.27 -16.21 -8.29
C GLN B 62 -4.03 -16.42 -9.15
N PHE B 63 -2.94 -16.84 -8.51
CA PHE B 63 -1.71 -17.10 -9.22
C PHE B 63 -1.88 -18.30 -10.15
N THR B 64 -1.46 -18.14 -11.41
CA THR B 64 -1.66 -19.17 -12.41
C THR B 64 -0.70 -18.94 -13.57
N ALA B 65 -0.09 -20.02 -14.05
CA ALA B 65 0.79 -20.00 -15.21
C ALA B 65 0.07 -20.64 -16.39
N VAL B 66 -0.23 -19.83 -17.41
CA VAL B 66 -0.94 -20.34 -18.58
C VAL B 66 -0.06 -21.27 -19.39
N GLY B 67 1.24 -20.97 -19.48
CA GLY B 67 2.14 -21.68 -20.35
C GLY B 67 2.24 -23.18 -20.11
N LYS B 68 2.05 -23.96 -21.17
CA LYS B 68 2.22 -25.40 -21.14
C LYS B 68 3.12 -25.82 -22.29
N GLU B 69 4.03 -26.77 -22.01
CA GLU B 69 5.01 -27.20 -22.99
C GLU B 69 4.77 -28.67 -23.33
N PHE B 70 4.71 -28.97 -24.63
CA PHE B 70 4.48 -30.32 -25.12
C PHE B 70 5.48 -30.63 -26.24
N ASN B 71 5.69 -31.93 -26.46
CA ASN B 71 6.61 -32.38 -27.50
C ASN B 71 5.86 -32.65 -28.80
N HIS B 72 6.58 -33.15 -29.80
CA HIS B 72 6.01 -33.36 -31.12
C HIS B 72 5.07 -34.56 -31.19
N LEU B 73 5.13 -35.45 -30.19
CA LEU B 73 4.24 -36.61 -30.14
C LEU B 73 3.08 -36.41 -29.17
N GLU B 74 2.84 -35.18 -28.72
CA GLU B 74 1.74 -34.85 -27.84
C GLU B 74 0.82 -33.82 -28.50
N LYS B 75 0.53 -34.02 -29.79
CA LYS B 75 -0.26 -33.06 -30.55
C LYS B 75 -1.68 -32.95 -30.02
N ARG B 76 -2.29 -34.08 -29.66
CA ARG B 76 -3.70 -34.09 -29.29
C ARG B 76 -3.94 -33.31 -28.00
N ILE B 77 -3.13 -33.55 -26.97
CA ILE B 77 -3.27 -32.77 -25.75
C ILE B 77 -2.85 -31.32 -25.99
N GLU B 78 -1.87 -31.11 -26.86
CA GLU B 78 -1.51 -29.75 -27.26
C GLU B 78 -2.68 -29.06 -27.95
N ASN B 79 -3.36 -29.77 -28.84
CA ASN B 79 -4.59 -29.23 -29.44
C ASN B 79 -5.68 -29.07 -28.40
N LEU B 80 -5.76 -30.00 -27.45
CA LEU B 80 -6.70 -29.87 -26.34
C LEU B 80 -6.37 -28.65 -25.50
N ASN B 81 -5.08 -28.43 -25.21
CA ASN B 81 -4.66 -27.25 -24.46
C ASN B 81 -5.00 -25.98 -25.22
N LYS B 82 -4.74 -25.96 -26.54
CA LYS B 82 -5.07 -24.80 -27.35
C LYS B 82 -6.58 -24.57 -27.40
N LYS B 83 -7.35 -25.67 -27.48
CA LYS B 83 -8.81 -25.54 -27.50
C LYS B 83 -9.32 -24.90 -26.21
N VAL B 84 -8.67 -25.19 -25.09
CA VAL B 84 -9.06 -24.58 -23.82
C VAL B 84 -8.78 -23.07 -23.85
N ASP B 85 -7.58 -22.69 -24.31
CA ASP B 85 -7.22 -21.28 -24.33
C ASP B 85 -8.10 -20.49 -25.29
N ASP B 86 -8.33 -21.03 -26.49
CA ASP B 86 -9.15 -20.31 -27.47
C ASP B 86 -10.60 -20.20 -27.01
N GLY B 87 -11.14 -21.25 -26.39
CA GLY B 87 -12.50 -21.18 -25.88
C GLY B 87 -12.66 -20.12 -24.81
N PHE B 88 -11.69 -20.01 -23.91
CA PHE B 88 -11.74 -18.96 -22.90
C PHE B 88 -11.61 -17.58 -23.52
N LEU B 89 -10.78 -17.45 -24.57
CA LEU B 89 -10.62 -16.16 -25.24
C LEU B 89 -11.93 -15.71 -25.87
N ASP B 90 -12.64 -16.61 -26.55
CA ASP B 90 -13.90 -16.24 -27.19
C ASP B 90 -14.96 -15.89 -26.15
N ILE B 91 -15.04 -16.66 -25.08
CA ILE B 91 -16.07 -16.43 -24.06
C ILE B 91 -15.85 -15.08 -23.37
N TRP B 92 -14.61 -14.81 -22.97
CA TRP B 92 -14.33 -13.56 -22.26
C TRP B 92 -14.51 -12.36 -23.19
N THR B 93 -14.07 -12.46 -24.44
CA THR B 93 -14.20 -11.34 -25.37
C THR B 93 -15.67 -10.99 -25.62
N TYR B 94 -16.50 -12.01 -25.84
CA TYR B 94 -17.91 -11.75 -26.12
C TYR B 94 -18.62 -11.16 -24.91
N ASN B 95 -18.35 -11.69 -23.72
CA ASN B 95 -18.96 -11.13 -22.51
C ASN B 95 -18.48 -9.71 -22.24
N ALA B 96 -17.17 -9.46 -22.40
CA ALA B 96 -16.63 -8.14 -22.13
C ALA B 96 -17.18 -7.11 -23.11
N GLU B 97 -17.26 -7.45 -24.40
CA GLU B 97 -17.80 -6.52 -25.38
C GLU B 97 -19.27 -6.23 -25.11
N LEU B 98 -20.05 -7.27 -24.82
CA LEU B 98 -21.47 -7.06 -24.58
C LEU B 98 -21.74 -6.37 -23.25
N LEU B 99 -20.91 -6.63 -22.24
CA LEU B 99 -21.08 -5.97 -20.95
C LEU B 99 -20.91 -4.46 -21.09
N VAL B 100 -19.88 -4.02 -21.80
CA VAL B 100 -19.67 -2.59 -22.02
C VAL B 100 -20.80 -2.01 -22.87
N LEU B 101 -21.21 -2.74 -23.91
CA LEU B 101 -22.27 -2.25 -24.79
C LEU B 101 -23.58 -2.05 -24.04
N LEU B 102 -23.95 -3.03 -23.21
CA LEU B 102 -25.22 -2.92 -22.49
C LEU B 102 -25.13 -1.92 -21.35
N GLU B 103 -24.01 -1.92 -20.60
CA GLU B 103 -23.90 -1.03 -19.47
C GLU B 103 -23.74 0.42 -19.90
N ASN B 104 -23.10 0.67 -21.04
CA ASN B 104 -23.01 2.03 -21.56
C ASN B 104 -24.40 2.57 -21.88
N GLU B 105 -25.26 1.72 -22.44
CA GLU B 105 -26.65 2.13 -22.68
C GLU B 105 -27.37 2.41 -21.36
N ARG B 106 -27.13 1.58 -20.35
CA ARG B 106 -27.78 1.79 -19.05
C ARG B 106 -27.31 3.09 -18.41
N THR B 107 -26.00 3.38 -18.51
CA THR B 107 -25.46 4.57 -17.87
C THR B 107 -26.07 5.84 -18.46
N LEU B 108 -26.19 5.91 -19.79
CA LEU B 108 -26.75 7.10 -20.42
C LEU B 108 -28.21 7.29 -20.02
N ASP B 109 -28.98 6.20 -19.97
CA ASP B 109 -30.36 6.31 -19.51
C ASP B 109 -30.44 6.69 -18.05
N TYR B 110 -29.47 6.26 -17.24
CA TYR B 110 -29.44 6.63 -15.83
C TYR B 110 -29.32 8.14 -15.67
N HIS B 111 -28.45 8.77 -16.47
CA HIS B 111 -28.36 10.22 -16.47
C HIS B 111 -29.65 10.85 -16.97
N ASP B 112 -30.29 10.22 -17.97
CA ASP B 112 -31.56 10.72 -18.48
C ASP B 112 -32.63 10.71 -17.40
N SER B 113 -32.71 9.63 -16.63
CA SER B 113 -33.70 9.54 -15.56
C SER B 113 -33.46 10.61 -14.50
N ASN B 114 -32.20 10.82 -14.11
CA ASN B 114 -31.89 11.78 -13.06
C ASN B 114 -32.26 13.20 -13.49
N VAL B 115 -31.99 13.55 -14.75
CA VAL B 115 -32.37 14.88 -15.24
C VAL B 115 -33.89 15.03 -15.23
N LYS B 116 -34.60 14.00 -15.66
CA LYS B 116 -36.06 14.05 -15.67
C LYS B 116 -36.62 14.17 -14.25
N ASN B 117 -36.06 13.42 -13.31
CA ASN B 117 -36.54 13.48 -11.93
C ASN B 117 -36.32 14.86 -11.33
N LEU B 118 -35.17 15.47 -11.60
CA LEU B 118 -34.88 16.78 -11.05
C LEU B 118 -35.87 17.83 -11.56
N TYR B 119 -36.22 17.76 -12.85
CA TYR B 119 -37.22 18.67 -13.39
C TYR B 119 -38.57 18.48 -12.73
N GLU B 120 -38.98 17.22 -12.54
CA GLU B 120 -40.27 16.95 -11.92
C GLU B 120 -40.29 17.33 -10.45
N LYS B 121 -39.15 17.19 -9.75
CA LYS B 121 -39.08 17.63 -8.36
C LYS B 121 -39.32 19.12 -8.25
N VAL B 122 -38.72 19.91 -9.15
CA VAL B 122 -38.95 21.35 -9.17
C VAL B 122 -40.39 21.64 -9.56
N ARG B 123 -40.93 20.89 -10.52
CA ARG B 123 -42.30 21.09 -10.97
C ARG B 123 -43.29 20.88 -9.83
N SER B 124 -43.08 19.83 -9.03
CA SER B 124 -43.98 19.56 -7.90
C SER B 124 -43.89 20.65 -6.84
N GLN B 125 -42.72 21.28 -6.70
CA GLN B 125 -42.56 22.33 -5.68
C GLN B 125 -43.29 23.61 -6.09
N LEU B 126 -43.24 23.95 -7.39
CA LEU B 126 -43.77 25.24 -7.83
C LEU B 126 -45.27 25.17 -8.11
N LYS B 127 -45.73 24.07 -8.69
CA LYS B 127 -47.15 23.86 -9.04
C LYS B 127 -47.55 24.96 -10.01
N ASN B 128 -48.67 25.67 -9.80
CA ASN B 128 -49.15 26.67 -10.74
C ASN B 128 -48.53 28.05 -10.51
N ASN B 129 -47.66 28.20 -9.52
CA ASN B 129 -46.94 29.45 -9.33
C ASN B 129 -45.93 29.72 -10.44
N ALA B 130 -45.64 28.74 -11.28
CA ALA B 130 -44.72 28.90 -12.39
C ALA B 130 -45.33 28.32 -13.66
N LYS B 131 -44.88 28.82 -14.80
CA LYS B 131 -45.34 28.39 -16.11
C LYS B 131 -44.25 27.61 -16.83
N GLU B 132 -44.58 26.41 -17.28
CA GLU B 132 -43.65 25.64 -18.09
C GLU B 132 -43.52 26.28 -19.47
N ILE B 133 -42.27 26.53 -19.89
CA ILE B 133 -42.02 27.24 -21.13
C ILE B 133 -41.08 26.44 -22.01
N GLY B 134 -40.96 25.15 -21.73
CA GLY B 134 -40.09 24.29 -22.51
C GLY B 134 -38.63 24.43 -22.13
N ASN B 135 -37.81 23.59 -22.75
CA ASN B 135 -36.36 23.55 -22.51
C ASN B 135 -36.04 23.33 -21.03
N GLY B 136 -36.95 22.69 -20.31
CA GLY B 136 -36.76 22.48 -18.88
C GLY B 136 -36.70 23.77 -18.09
N CYS B 137 -37.51 24.76 -18.46
CA CYS B 137 -37.45 26.09 -17.88
C CYS B 137 -38.79 26.45 -17.25
N PHE B 138 -38.72 27.24 -16.18
CA PHE B 138 -39.90 27.74 -15.47
C PHE B 138 -39.84 29.25 -15.40
N GLU B 139 -40.99 29.89 -15.57
CA GLU B 139 -41.13 31.33 -15.41
C GLU B 139 -41.99 31.60 -14.18
N PHE B 140 -41.46 32.39 -13.24
CA PHE B 140 -42.17 32.68 -12.01
C PHE B 140 -43.15 33.83 -12.23
N TYR B 141 -44.37 33.66 -11.72
CA TYR B 141 -45.36 34.73 -11.75
C TYR B 141 -45.14 35.75 -10.64
N HIS B 142 -44.23 35.48 -9.71
CA HIS B 142 -43.92 36.39 -8.62
C HIS B 142 -42.41 36.60 -8.56
N LYS B 143 -42.02 37.72 -7.96
CA LYS B 143 -40.60 38.02 -7.80
C LYS B 143 -39.94 37.00 -6.89
N CYS B 144 -38.74 36.57 -7.26
CA CYS B 144 -38.00 35.53 -6.54
C CYS B 144 -36.56 35.99 -6.38
N ASP B 145 -36.18 36.33 -5.15
CA ASP B 145 -34.84 36.83 -4.86
C ASP B 145 -33.87 35.67 -4.71
N ASN B 146 -32.65 35.97 -4.27
CA ASN B 146 -31.63 34.94 -4.10
C ASN B 146 -32.05 33.93 -3.03
N THR B 147 -32.64 34.40 -1.94
CA THR B 147 -33.13 33.49 -0.91
C THR B 147 -34.22 32.58 -1.46
N CYS B 148 -35.14 33.14 -2.24
CA CYS B 148 -36.18 32.33 -2.88
C CYS B 148 -35.58 31.34 -3.87
N MET B 149 -34.53 31.76 -4.60
CA MET B 149 -33.94 30.88 -5.61
C MET B 149 -33.34 29.63 -4.97
N GLU B 150 -32.36 29.81 -4.08
CA GLU B 150 -31.73 28.66 -3.45
C GLU B 150 -32.71 27.85 -2.60
N SER B 151 -33.80 28.47 -2.14
CA SER B 151 -34.82 27.72 -1.43
C SER B 151 -35.40 26.60 -2.31
N VAL B 152 -35.47 26.83 -3.62
CA VAL B 152 -35.82 25.75 -4.54
C VAL B 152 -34.67 24.74 -4.61
N LYS B 153 -33.43 25.23 -4.68
CA LYS B 153 -32.27 24.34 -4.62
C LYS B 153 -32.19 23.62 -3.28
N ASN B 154 -32.48 24.33 -2.18
CA ASN B 154 -32.59 23.64 -0.89
C ASN B 154 -33.63 22.53 -0.96
N GLY B 155 -34.75 22.79 -1.62
CA GLY B 155 -35.92 21.96 -1.53
C GLY B 155 -36.95 22.43 -0.53
N THR B 156 -37.02 23.73 -0.27
CA THR B 156 -37.88 24.30 0.78
C THR B 156 -38.64 25.50 0.25
N TYR B 157 -39.23 25.36 -0.94
CA TYR B 157 -40.04 26.45 -1.50
C TYR B 157 -41.40 26.51 -0.81
N ASP B 158 -41.85 27.72 -0.54
CA ASP B 158 -43.12 27.95 0.17
C ASP B 158 -44.18 28.34 -0.86
N TYR B 159 -44.97 27.36 -1.31
CA TYR B 159 -46.04 27.64 -2.25
C TYR B 159 -47.11 28.56 -1.66
N PRO B 160 -47.67 28.32 -0.47
CA PRO B 160 -48.70 29.23 0.04
C PRO B 160 -48.20 30.65 0.27
N LYS B 161 -46.90 30.82 0.52
CA LYS B 161 -46.37 32.15 0.81
C LYS B 161 -46.55 33.09 -0.37
N TYR B 162 -46.29 32.62 -1.59
CA TYR B 162 -46.48 33.42 -2.79
C TYR B 162 -47.69 32.97 -3.61
N SER B 163 -48.56 32.14 -3.02
CA SER B 163 -49.70 31.62 -3.78
C SER B 163 -50.63 32.74 -4.23
N GLU B 164 -50.96 33.66 -3.33
CA GLU B 164 -51.85 34.76 -3.68
C GLU B 164 -51.15 35.81 -4.53
N GLU B 165 -49.85 36.03 -4.31
CA GLU B 165 -49.09 36.95 -5.15
C GLU B 165 -49.01 36.44 -6.59
N ALA B 166 -48.78 35.13 -6.77
CA ALA B 166 -48.67 34.57 -8.11
C ALA B 166 -50.04 34.44 -8.77
N LYS B 167 -51.08 34.13 -7.98
CA LYS B 167 -52.41 33.96 -8.55
C LYS B 167 -52.92 35.25 -9.16
N LEU B 168 -52.69 36.39 -8.49
CA LEU B 168 -53.09 37.68 -9.04
C LEU B 168 -52.35 37.96 -10.34
N ASN B 169 -51.06 37.65 -10.40
CA ASN B 169 -50.29 37.84 -11.63
C ASN B 169 -50.67 36.83 -12.70
N ARG B 170 -51.20 35.66 -12.32
CA ARG B 170 -51.54 34.64 -13.29
C ARG B 170 -52.72 35.07 -14.16
N GLU B 171 -53.70 35.76 -13.58
CA GLU B 171 -54.92 36.11 -14.28
C GLU B 171 -54.82 37.43 -15.05
N GLU B 172 -53.67 38.10 -15.01
CA GLU B 172 -53.49 39.35 -15.75
C GLU B 172 -52.60 39.20 -16.97
N ILE B 173 -51.63 38.29 -16.95
CA ILE B 173 -50.83 38.03 -18.14
C ILE B 173 -51.70 37.47 -19.26
N ASP B 174 -52.58 36.54 -18.93
CA ASP B 174 -53.51 35.94 -19.89
C ASP B 174 -54.76 36.80 -20.10
N SER B 175 -54.55 38.09 -20.37
CA SER B 175 -55.62 39.06 -20.61
C SER B 175 -56.65 39.05 -19.49
N GLU C 2 -12.77 -5.50 -0.08
CA GLU C 2 -12.38 -4.64 1.02
C GLU C 2 -11.36 -3.59 0.56
N VAL C 3 -10.26 -4.06 -0.02
CA VAL C 3 -9.16 -3.24 -0.52
C VAL C 3 -8.43 -2.59 0.65
N GLN C 4 -7.11 -2.55 0.59
CA GLN C 4 -6.28 -1.96 1.63
C GLN C 4 -5.43 -0.84 1.04
N LEU C 5 -5.21 0.21 1.84
CA LEU C 5 -4.47 1.38 1.41
C LEU C 5 -3.07 1.35 2.03
N VAL C 6 -2.04 1.37 1.19
CA VAL C 6 -0.65 1.44 1.64
C VAL C 6 -0.04 2.72 1.08
N GLN C 7 0.18 3.70 1.95
CA GLN C 7 0.77 4.96 1.54
C GLN C 7 2.28 4.81 1.40
N SER C 8 2.90 5.85 0.84
CA SER C 8 4.34 5.86 0.67
C SER C 8 5.03 6.09 2.02
N GLY C 9 6.36 6.00 2.01
CA GLY C 9 7.12 6.14 3.23
C GLY C 9 7.32 7.60 3.64
N ALA C 10 7.84 7.77 4.86
CA ALA C 10 8.11 9.11 5.37
C ALA C 10 9.28 9.74 4.64
N GLU C 11 9.17 11.04 4.37
CA GLU C 11 10.19 11.78 3.64
C GLU C 11 10.41 13.13 4.29
N VAL C 12 11.68 13.55 4.33
CA VAL C 12 12.08 14.81 4.94
C VAL C 12 12.80 15.65 3.90
N LYS C 13 12.39 16.92 3.78
CA LYS C 13 12.96 17.82 2.78
C LYS C 13 13.18 19.19 3.41
N LYS C 14 13.63 20.13 2.58
CA LYS C 14 13.91 21.50 2.98
C LYS C 14 12.94 22.47 2.31
N PRO C 15 12.75 23.66 2.87
CA PRO C 15 11.77 24.60 2.31
C PRO C 15 12.09 24.95 0.86
N GLY C 16 11.04 25.09 0.05
CA GLY C 16 11.15 25.41 -1.35
C GLY C 16 11.04 24.23 -2.29
N SER C 17 11.18 23.01 -1.78
CA SER C 17 11.16 21.82 -2.60
C SER C 17 9.72 21.36 -2.82
N SER C 18 9.54 20.16 -3.36
CA SER C 18 8.22 19.58 -3.59
C SER C 18 8.26 18.10 -3.27
N VAL C 19 7.08 17.54 -3.00
CA VAL C 19 6.97 16.14 -2.60
C VAL C 19 5.66 15.58 -3.13
N ARG C 20 5.70 14.31 -3.55
CA ARG C 20 4.50 13.58 -3.97
C ARG C 20 4.36 12.32 -3.11
N VAL C 21 3.13 12.06 -2.66
CA VAL C 21 2.84 10.96 -1.75
C VAL C 21 2.03 9.92 -2.50
N SER C 22 2.42 8.65 -2.37
CA SER C 22 1.74 7.56 -3.05
C SER C 22 0.67 6.95 -2.14
N CYS C 23 -0.31 6.31 -2.77
CA CYS C 23 -1.40 5.64 -2.07
C CYS C 23 -1.84 4.45 -2.92
N LYS C 24 -1.26 3.28 -2.64
CA LYS C 24 -1.53 2.08 -3.43
C LYS C 24 -2.67 1.28 -2.82
N ALA C 25 -3.55 0.77 -3.67
CA ALA C 25 -4.65 -0.07 -3.23
C ALA C 25 -4.24 -1.53 -3.32
N SER C 26 -4.64 -2.31 -2.30
CA SER C 26 -4.34 -3.74 -2.31
C SER C 26 -4.99 -4.43 -3.50
N GLY C 27 -6.25 -4.10 -3.78
CA GLY C 27 -6.92 -4.58 -4.97
C GLY C 27 -7.15 -3.46 -5.96
N GLY C 28 -8.25 -3.54 -6.72
CA GLY C 28 -8.59 -2.50 -7.66
C GLY C 28 -9.94 -1.88 -7.37
N THR C 29 -9.98 -0.56 -7.26
CA THR C 29 -11.23 0.14 -6.98
C THR C 29 -11.17 1.53 -7.59
N PHE C 30 -12.35 2.10 -7.81
CA PHE C 30 -12.49 3.44 -8.37
C PHE C 30 -13.17 4.40 -7.39
N SER C 31 -13.09 4.11 -6.10
CA SER C 31 -13.67 5.00 -5.10
C SER C 31 -12.91 6.33 -5.07
N ALA C 32 -13.60 7.36 -4.61
CA ALA C 32 -13.03 8.71 -4.57
C ALA C 32 -11.85 8.76 -3.61
N ILE C 33 -11.06 9.82 -3.74
CA ILE C 33 -9.83 9.99 -2.98
C ILE C 33 -9.87 11.34 -2.28
N SER C 34 -9.52 11.35 -0.99
CA SER C 34 -9.37 12.58 -0.23
C SER C 34 -8.10 12.49 0.60
N TRP C 35 -7.37 13.59 0.71
CA TRP C 35 -6.15 13.67 1.49
C TRP C 35 -6.34 14.64 2.65
N VAL C 36 -5.95 14.21 3.84
CA VAL C 36 -6.15 14.98 5.07
C VAL C 36 -4.82 15.11 5.79
N ARG C 37 -4.53 16.31 6.29
CA ARG C 37 -3.31 16.59 7.02
C ARG C 37 -3.61 16.89 8.48
N GLN C 38 -2.75 16.42 9.37
CA GLN C 38 -2.79 16.77 10.78
C GLN C 38 -1.42 17.27 11.21
N ALA C 39 -1.36 18.53 11.62
CA ALA C 39 -0.12 19.11 12.11
C ALA C 39 0.10 18.72 13.58
N PRO C 40 1.36 18.68 14.03
CA PRO C 40 1.64 18.37 15.44
C PRO C 40 0.91 19.32 16.38
N GLY C 41 0.03 18.76 17.21
CA GLY C 41 -0.72 19.53 18.17
C GLY C 41 -1.95 20.24 17.64
N GLN C 42 -2.29 20.03 16.37
CA GLN C 42 -3.43 20.68 15.74
C GLN C 42 -4.43 19.63 15.28
N GLY C 43 -5.61 20.09 14.86
CA GLY C 43 -6.67 19.22 14.42
C GLY C 43 -6.51 18.80 12.96
N LEU C 44 -7.43 17.94 12.54
CA LEU C 44 -7.42 17.45 11.17
C LEU C 44 -7.82 18.56 10.20
N GLU C 45 -7.43 18.39 8.94
CA GLU C 45 -7.67 19.41 7.92
C GLU C 45 -7.71 18.73 6.56
N TRP C 46 -8.90 18.69 5.95
CA TRP C 46 -9.04 18.12 4.62
C TRP C 46 -8.35 19.04 3.60
N MET C 47 -7.53 18.44 2.74
CA MET C 47 -6.75 19.20 1.77
C MET C 47 -7.46 19.27 0.42
N GLY C 48 -7.76 18.13 -0.17
CA GLY C 48 -8.39 18.12 -1.47
C GLY C 48 -8.98 16.75 -1.77
N GLY C 49 -9.56 16.64 -2.97
CA GLY C 49 -10.18 15.40 -3.39
C GLY C 49 -10.28 15.31 -4.89
N ILE C 50 -10.44 14.08 -5.36
CA ILE C 50 -10.59 13.80 -6.79
C ILE C 50 -11.65 12.72 -6.97
N ILE C 51 -12.51 12.89 -7.96
CA ILE C 51 -13.55 11.93 -8.30
C ILE C 51 -13.09 11.19 -9.56
N PRO C 52 -12.74 9.90 -9.48
CA PRO C 52 -12.29 9.19 -10.68
C PRO C 52 -13.30 9.16 -11.80
N VAL C 53 -14.60 9.12 -11.49
CA VAL C 53 -15.62 9.03 -12.53
C VAL C 53 -16.08 10.39 -13.04
N PHE C 54 -15.96 11.44 -12.24
CA PHE C 54 -16.29 12.80 -12.65
C PHE C 54 -15.07 13.59 -13.06
N GLY C 55 -13.88 12.99 -13.06
CA GLY C 55 -12.68 13.74 -13.34
C GLY C 55 -12.42 14.78 -12.27
N THR C 56 -11.80 15.89 -12.68
CA THR C 56 -11.56 17.10 -11.90
C THR C 56 -10.78 16.81 -10.62
N ALA C 57 -10.49 17.86 -9.84
CA ALA C 57 -9.78 17.70 -8.57
C ALA C 57 -10.15 18.89 -7.69
N ASN C 58 -11.01 18.66 -6.70
CA ASN C 58 -11.45 19.72 -5.80
C ASN C 58 -10.48 19.86 -4.64
N TYR C 59 -9.98 21.07 -4.44
CA TYR C 59 -9.07 21.38 -3.35
C TYR C 59 -9.71 22.39 -2.41
N ALA C 60 -8.98 22.75 -1.36
CA ALA C 60 -9.40 23.77 -0.42
C ALA C 60 -8.81 25.13 -0.82
N GLN C 61 -9.37 26.19 -0.24
CA GLN C 61 -8.89 27.54 -0.54
C GLN C 61 -7.44 27.72 -0.11
N LYS C 62 -7.08 27.20 1.06
CA LYS C 62 -5.71 27.35 1.56
C LYS C 62 -4.70 26.63 0.67
N PHE C 63 -5.06 25.44 0.18
CA PHE C 63 -4.12 24.59 -0.55
C PHE C 63 -4.21 24.75 -2.07
N GLN C 64 -5.19 25.50 -2.58
CA GLN C 64 -5.34 25.64 -4.01
C GLN C 64 -4.17 26.41 -4.60
N GLY C 65 -3.51 25.83 -5.59
CA GLY C 65 -2.33 26.44 -6.20
C GLY C 65 -1.07 25.66 -5.93
N ARG C 66 -0.92 25.15 -4.70
CA ARG C 66 0.25 24.35 -4.34
C ARG C 66 0.00 22.86 -4.53
N VAL C 67 -1.06 22.34 -3.91
CA VAL C 67 -1.31 20.90 -3.94
C VAL C 67 -1.86 20.50 -5.31
N THR C 68 -1.58 19.25 -5.70
CA THR C 68 -2.07 18.68 -6.96
C THR C 68 -2.37 17.21 -6.71
N ILE C 69 -3.64 16.90 -6.49
CA ILE C 69 -4.07 15.54 -6.18
C ILE C 69 -4.44 14.83 -7.48
N THR C 70 -3.83 13.66 -7.71
CA THR C 70 -4.04 12.90 -8.91
C THR C 70 -4.07 11.41 -8.58
N ALA C 71 -4.71 10.64 -9.46
CA ALA C 71 -4.81 9.20 -9.29
C ALA C 71 -4.72 8.52 -10.66
N ASP C 72 -4.23 7.30 -10.67
CA ASP C 72 -4.12 6.49 -11.88
C ASP C 72 -5.06 5.30 -11.76
N ASP C 73 -5.72 4.96 -12.87
CA ASP C 73 -6.79 3.98 -12.84
C ASP C 73 -6.26 2.55 -12.80
N SER C 74 -5.30 2.23 -13.67
CA SER C 74 -4.84 0.84 -13.79
C SER C 74 -4.21 0.34 -12.49
N THR C 75 -3.34 1.15 -11.89
CA THR C 75 -2.70 0.77 -10.64
C THR C 75 -3.57 1.02 -9.42
N SER C 76 -4.67 1.75 -9.56
CA SER C 76 -5.52 2.14 -8.44
C SER C 76 -4.71 2.84 -7.36
N THR C 77 -3.78 3.69 -7.79
CA THR C 77 -2.86 4.38 -6.90
C THR C 77 -3.13 5.87 -6.96
N ALA C 78 -3.24 6.50 -5.79
CA ALA C 78 -3.48 7.93 -5.67
C ALA C 78 -2.18 8.65 -5.35
N TYR C 79 -2.04 9.86 -5.88
CA TYR C 79 -0.83 10.66 -5.69
C TYR C 79 -1.23 12.07 -5.24
N MET C 80 -0.56 12.56 -4.21
CA MET C 80 -0.76 13.91 -3.69
C MET C 80 0.56 14.65 -3.73
N GLU C 81 0.65 15.67 -4.58
CA GLU C 81 1.86 16.46 -4.75
C GLU C 81 1.60 17.88 -4.26
N VAL C 82 2.52 18.40 -3.46
CA VAL C 82 2.48 19.79 -2.99
C VAL C 82 3.82 20.44 -3.29
N SER C 83 3.79 21.63 -3.84
CA SER C 83 4.99 22.38 -4.22
C SER C 83 5.17 23.57 -3.28
N SER C 84 6.31 24.25 -3.44
CA SER C 84 6.70 25.38 -2.60
C SER C 84 6.60 25.01 -1.12
N LEU C 85 7.35 23.98 -0.75
CA LEU C 85 7.29 23.46 0.61
C LEU C 85 7.78 24.50 1.60
N ARG C 86 7.12 24.54 2.76
CA ARG C 86 7.45 25.50 3.80
C ARG C 86 7.36 24.79 5.15
N SER C 87 7.96 25.42 6.17
CA SER C 87 7.98 24.82 7.50
C SER C 87 6.58 24.66 8.09
N ASP C 88 5.59 25.37 7.56
CA ASP C 88 4.23 25.25 8.05
C ASP C 88 3.60 23.91 7.69
N ASP C 89 4.09 23.25 6.65
CA ASP C 89 3.52 21.99 6.18
C ASP C 89 4.15 20.76 6.83
N THR C 90 5.06 20.94 7.79
CA THR C 90 5.65 19.82 8.50
C THR C 90 4.56 19.14 9.34
N ALA C 91 4.08 18.00 8.87
CA ALA C 91 2.95 17.32 9.49
C ALA C 91 2.91 15.89 8.96
N VAL C 92 1.82 15.18 9.29
CA VAL C 92 1.58 13.83 8.80
C VAL C 92 0.36 13.87 7.89
N TYR C 93 0.46 13.22 6.74
CA TYR C 93 -0.56 13.27 5.70
C TYR C 93 -1.22 11.90 5.56
N TYR C 94 -2.52 11.90 5.34
CA TYR C 94 -3.30 10.67 5.26
C TYR C 94 -4.04 10.58 3.93
N CYS C 95 -4.29 9.35 3.50
CA CYS C 95 -4.99 9.05 2.27
C CYS C 95 -6.20 8.18 2.59
N ALA C 96 -7.38 8.61 2.12
CA ALA C 96 -8.62 7.91 2.42
C ALA C 96 -9.44 7.75 1.14
N ARG C 97 -10.30 6.73 1.15
CA ARG C 97 -11.17 6.43 0.01
C ARG C 97 -12.62 6.35 0.47
N GLU C 98 -13.49 7.11 -0.19
CA GLU C 98 -14.91 7.10 0.13
C GLU C 98 -15.50 5.72 -0.11
N GLU C 99 -15.84 5.00 0.96
CA GLU C 99 -16.39 3.65 0.86
C GLU C 99 -17.00 3.20 2.17
N THR C 100 -18.26 2.77 2.14
CA THR C 100 -18.93 2.17 3.30
C THR C 100 -19.67 0.93 2.82
N TRP C 101 -20.54 0.37 3.66
CA TRP C 101 -21.31 -0.79 3.22
C TRP C 101 -22.33 -0.40 2.15
N LYS C 102 -22.79 0.85 2.16
CA LYS C 102 -23.70 1.30 1.12
C LYS C 102 -23.03 1.30 -0.24
N GLY C 103 -21.77 1.74 -0.30
CA GLY C 103 -21.05 1.77 -1.56
C GLY C 103 -20.07 2.93 -1.67
N ALA C 104 -20.17 3.68 -2.77
CA ALA C 104 -19.22 4.76 -3.02
C ALA C 104 -19.29 5.83 -1.93
N THR C 105 -20.50 6.20 -1.51
CA THR C 105 -20.77 7.11 -0.39
C THR C 105 -19.81 8.30 -0.37
N ILE C 106 -19.88 9.12 -1.42
CA ILE C 106 -19.03 10.29 -1.53
C ILE C 106 -19.20 11.18 -0.31
N GLY C 107 -18.10 11.76 0.15
CA GLY C 107 -18.14 12.67 1.28
C GLY C 107 -17.49 12.13 2.55
N VAL C 108 -17.63 10.83 2.80
CA VAL C 108 -17.17 10.22 4.04
C VAL C 108 -15.85 9.51 3.77
N MET C 109 -14.90 9.64 4.71
CA MET C 109 -13.55 9.16 4.45
C MET C 109 -13.48 7.63 4.41
N GLY C 110 -14.29 6.95 5.20
CA GLY C 110 -14.36 5.50 5.14
C GLY C 110 -13.02 4.85 5.46
N ILE C 111 -12.49 4.09 4.50
CA ILE C 111 -11.19 3.46 4.69
C ILE C 111 -10.10 4.52 4.65
N TRP C 112 -9.17 4.44 5.60
CA TRP C 112 -8.05 5.36 5.70
C TRP C 112 -6.75 4.64 5.32
N GLY C 113 -5.69 5.44 5.22
CA GLY C 113 -4.37 4.89 4.96
C GLY C 113 -3.62 4.58 6.23
N GLN C 114 -2.32 4.82 6.24
CA GLN C 114 -1.49 4.63 7.43
C GLN C 114 -0.78 5.89 7.89
N GLY C 115 -0.87 6.98 7.14
CA GLY C 115 -0.16 8.19 7.46
C GLY C 115 1.20 8.26 6.78
N THR C 116 1.71 9.49 6.66
CA THR C 116 3.00 9.73 6.04
C THR C 116 3.61 10.97 6.67
N MET C 117 4.66 10.77 7.46
CA MET C 117 5.32 11.89 8.13
C MET C 117 6.16 12.67 7.13
N VAL C 118 5.95 13.99 7.10
CA VAL C 118 6.72 14.89 6.25
C VAL C 118 7.31 15.98 7.13
N THR C 119 8.63 16.18 7.02
CA THR C 119 9.34 17.16 7.82
C THR C 119 10.03 18.16 6.90
N VAL C 120 9.78 19.46 7.15
CA VAL C 120 10.39 20.54 6.38
C VAL C 120 11.18 21.41 7.33
N SER C 121 12.49 21.52 7.09
CA SER C 121 13.37 22.35 7.90
C SER C 121 14.70 22.48 7.18
N SER C 122 15.39 23.58 7.43
CA SER C 122 16.69 23.81 6.81
C SER C 122 17.78 22.90 7.39
N ALA C 123 17.52 22.29 8.54
CA ALA C 123 18.52 21.44 9.17
C ALA C 123 18.76 20.18 8.34
N SER C 124 20.01 19.71 8.34
CA SER C 124 20.39 18.48 7.67
C SER C 124 20.40 17.33 8.67
N THR C 125 20.65 16.12 8.17
CA THR C 125 20.67 14.93 9.01
C THR C 125 21.73 15.02 10.09
N LYS C 126 21.31 15.11 11.34
CA LYS C 126 22.21 15.24 12.48
C LYS C 126 22.01 14.08 13.44
N GLY C 127 23.11 13.46 13.85
CA GLY C 127 23.05 12.38 14.80
C GLY C 127 22.71 12.86 16.20
N PRO C 128 22.09 12.00 17.00
CA PRO C 128 21.73 12.38 18.36
C PRO C 128 22.93 12.34 19.31
N SER C 129 22.81 13.10 20.39
CA SER C 129 23.78 13.12 21.47
C SER C 129 23.09 12.73 22.76
N VAL C 130 23.66 11.76 23.48
CA VAL C 130 23.06 11.20 24.69
C VAL C 130 23.95 11.55 25.87
N PHE C 131 23.37 12.25 26.85
CA PHE C 131 24.06 12.57 28.09
C PHE C 131 23.37 11.88 29.25
N PRO C 132 24.10 11.17 30.10
CA PRO C 132 23.46 10.43 31.20
C PRO C 132 23.01 11.37 32.31
N LEU C 133 21.74 11.23 32.71
CA LEU C 133 21.20 11.96 33.85
C LEU C 133 21.38 11.08 35.08
N ALA C 134 22.51 11.26 35.75
CA ALA C 134 22.87 10.40 36.87
C ALA C 134 21.88 10.58 38.02
N PRO C 135 21.47 9.49 38.66
CA PRO C 135 20.51 9.60 39.77
C PRO C 135 21.15 10.24 40.99
N SER C 136 20.29 10.81 41.83
CA SER C 136 20.73 11.45 43.06
C SER C 136 21.30 10.44 44.03
N GLY C 143 13.27 5.99 49.43
CA GLY C 143 12.09 5.49 48.76
C GLY C 143 12.35 5.00 47.35
N THR C 144 12.12 5.87 46.37
CA THR C 144 12.33 5.54 44.97
C THR C 144 13.26 6.57 44.34
N ALA C 145 13.96 6.14 43.29
CA ALA C 145 14.92 6.98 42.60
C ALA C 145 14.62 6.99 41.11
N ALA C 146 15.04 8.06 40.45
CA ALA C 146 14.80 8.25 39.02
C ALA C 146 16.12 8.54 38.32
N LEU C 147 16.40 7.79 37.26
CA LEU C 147 17.55 8.04 36.40
C LEU C 147 17.11 7.92 34.95
N GLY C 148 17.81 8.62 34.07
CA GLY C 148 17.41 8.63 32.67
C GLY C 148 18.51 9.11 31.76
N CYS C 149 18.15 9.23 30.47
CA CYS C 149 19.06 9.67 29.43
C CYS C 149 18.45 10.87 28.71
N LEU C 150 19.31 11.70 28.12
CA LEU C 150 18.89 12.91 27.43
C LEU C 150 19.36 12.83 25.98
N VAL C 151 18.41 12.71 25.06
CA VAL C 151 18.68 12.68 23.62
C VAL C 151 18.41 14.08 23.08
N LYS C 152 19.46 14.76 22.64
CA LYS C 152 19.37 16.18 22.33
C LYS C 152 19.98 16.49 20.97
N ASP C 153 19.37 17.42 20.25
CA ASP C 153 19.88 17.97 18.99
C ASP C 153 20.10 16.88 17.95
N TYR C 154 18.99 16.27 17.54
CA TYR C 154 18.99 15.30 16.46
C TYR C 154 17.95 15.69 15.42
N PHE C 155 18.17 15.22 14.20
CA PHE C 155 17.28 15.51 13.08
C PHE C 155 17.43 14.44 12.01
N PRO C 156 16.32 13.90 11.49
CA PRO C 156 14.96 14.19 11.91
C PRO C 156 14.42 13.16 12.90
N GLU C 157 13.12 13.23 13.16
CA GLU C 157 12.46 12.23 14.00
C GLU C 157 12.42 10.89 13.28
N PRO C 158 12.31 9.78 14.03
CA PRO C 158 12.33 9.69 15.49
C PRO C 158 13.60 9.03 16.04
N VAL C 159 13.69 8.93 17.37
CA VAL C 159 14.73 8.15 18.04
C VAL C 159 14.05 7.08 18.88
N THR C 160 14.60 5.87 18.84
CA THR C 160 14.09 4.76 19.61
C THR C 160 14.97 4.55 20.84
N VAL C 161 14.38 4.68 22.02
CA VAL C 161 15.11 4.58 23.28
C VAL C 161 14.53 3.43 24.09
N SER C 162 15.39 2.50 24.49
CA SER C 162 15.03 1.39 25.36
C SER C 162 15.93 1.42 26.60
N TRP C 163 15.82 0.37 27.42
CA TRP C 163 16.58 0.30 28.65
C TRP C 163 17.06 -1.13 28.87
N ASN C 164 18.36 -1.30 29.05
CA ASN C 164 18.97 -2.62 29.25
C ASN C 164 18.59 -3.58 28.14
N SER C 165 18.63 -3.07 26.90
CA SER C 165 18.22 -3.84 25.72
C SER C 165 16.79 -4.36 25.85
N GLY C 166 15.91 -3.52 26.40
CA GLY C 166 14.51 -3.87 26.57
C GLY C 166 14.19 -4.68 27.81
N ALA C 167 15.17 -4.91 28.69
CA ALA C 167 14.90 -5.69 29.90
C ALA C 167 14.00 -4.93 30.86
N LEU C 168 14.20 -3.61 31.00
CA LEU C 168 13.44 -2.79 31.92
C LEU C 168 12.38 -2.02 31.15
N THR C 169 11.11 -2.32 31.44
CA THR C 169 9.98 -1.69 30.77
C THR C 169 9.03 -0.99 31.71
N SER C 170 8.76 -1.58 32.89
CA SER C 170 7.86 -0.94 33.84
C SER C 170 8.50 0.32 34.42
N GLY C 171 7.71 1.38 34.52
CA GLY C 171 8.20 2.64 35.00
C GLY C 171 8.96 3.47 33.98
N VAL C 172 9.10 2.98 32.75
CA VAL C 172 9.83 3.69 31.72
C VAL C 172 8.92 4.74 31.09
N HIS C 173 9.41 5.98 30.99
CA HIS C 173 8.66 7.08 30.39
C HIS C 173 9.57 7.77 29.38
N THR C 174 9.25 7.61 28.09
CA THR C 174 9.99 8.25 27.00
C THR C 174 9.19 9.46 26.55
N PHE C 175 9.74 10.66 26.77
CA PHE C 175 9.03 11.89 26.50
C PHE C 175 9.00 12.19 25.00
N PRO C 176 7.96 12.90 24.54
CA PRO C 176 7.92 13.30 23.13
C PRO C 176 9.02 14.29 22.81
N ALA C 177 9.45 14.28 21.55
CA ALA C 177 10.50 15.18 21.10
C ALA C 177 10.02 16.62 21.09
N VAL C 178 10.96 17.54 21.23
CA VAL C 178 10.68 18.98 21.26
C VAL C 178 11.53 19.66 20.20
N LEU C 179 10.89 20.44 19.33
CA LEU C 179 11.61 21.24 18.33
C LEU C 179 12.15 22.50 19.01
N GLN C 180 13.47 22.54 19.21
CA GLN C 180 14.09 23.68 19.86
C GLN C 180 14.19 24.85 18.88
N SER C 181 14.79 25.94 19.35
CA SER C 181 14.97 27.13 18.51
C SER C 181 15.99 26.90 17.40
N SER C 182 16.75 25.82 17.45
CA SER C 182 17.76 25.52 16.43
C SER C 182 17.23 24.66 15.29
N GLY C 183 15.93 24.34 15.30
CA GLY C 183 15.38 23.47 14.28
C GLY C 183 15.69 21.99 14.48
N LEU C 184 16.19 21.61 15.65
CA LEU C 184 16.54 20.24 15.94
C LEU C 184 15.67 19.71 17.07
N TYR C 185 15.58 18.38 17.16
CA TYR C 185 14.72 17.71 18.11
C TYR C 185 15.51 17.29 19.34
N SER C 186 14.85 17.36 20.50
CA SER C 186 15.43 16.91 21.76
C SER C 186 14.42 16.03 22.48
N LEU C 187 14.92 14.94 23.07
CA LEU C 187 14.07 13.95 23.71
C LEU C 187 14.66 13.54 25.05
N SER C 188 13.79 13.20 25.99
CA SER C 188 14.18 12.76 27.32
C SER C 188 13.52 11.43 27.63
N SER C 189 14.29 10.48 28.14
CA SER C 189 13.78 9.17 28.53
C SER C 189 14.19 8.90 29.97
N VAL C 190 13.22 8.56 30.82
CA VAL C 190 13.47 8.34 32.25
C VAL C 190 12.78 7.05 32.68
N VAL C 191 13.23 6.53 33.82
CA VAL C 191 12.66 5.33 34.42
C VAL C 191 12.91 5.39 35.92
N THR C 192 11.91 4.96 36.69
CA THR C 192 12.00 4.93 38.14
C THR C 192 12.30 3.50 38.61
N VAL C 193 13.34 3.36 39.42
CA VAL C 193 13.76 2.06 39.94
C VAL C 193 13.94 2.17 41.44
N PRO C 194 13.82 1.08 42.20
CA PRO C 194 14.10 1.15 43.64
C PRO C 194 15.55 1.54 43.90
N SER C 195 15.75 2.26 45.01
CA SER C 195 17.06 2.76 45.35
C SER C 195 18.06 1.67 45.67
N SER C 196 17.58 0.47 46.03
CA SER C 196 18.50 -0.61 46.41
C SER C 196 19.29 -1.11 45.21
N SER C 197 18.64 -1.25 44.06
CA SER C 197 19.27 -1.83 42.87
C SER C 197 20.14 -0.83 42.11
N LEU C 198 20.48 0.31 42.72
CA LEU C 198 21.33 1.28 42.03
C LEU C 198 22.71 0.70 41.73
N GLY C 199 23.30 0.00 42.70
CA GLY C 199 24.59 -0.61 42.50
C GLY C 199 24.51 -2.07 42.12
N THR C 200 23.42 -2.74 42.54
CA THR C 200 23.25 -4.15 42.23
C THR C 200 23.10 -4.38 40.74
N GLN C 201 22.32 -3.53 40.06
CA GLN C 201 22.05 -3.66 38.63
C GLN C 201 22.54 -2.42 37.91
N THR C 202 23.31 -2.62 36.84
CA THR C 202 23.77 -1.51 36.01
C THR C 202 22.68 -1.12 35.02
N TYR C 203 22.52 0.19 34.83
CA TYR C 203 21.47 0.73 33.98
C TYR C 203 22.10 1.35 32.74
N ILE C 204 21.68 0.87 31.56
CA ILE C 204 22.16 1.37 30.28
C ILE C 204 20.96 1.63 29.39
N CYS C 205 20.92 2.82 28.78
CA CYS C 205 19.87 3.18 27.84
C CYS C 205 20.38 3.01 26.42
N ASN C 206 19.49 2.55 25.54
CA ASN C 206 19.83 2.24 24.15
C ASN C 206 19.04 3.18 23.24
N VAL C 207 19.72 4.22 22.74
CA VAL C 207 19.11 5.19 21.85
C VAL C 207 19.48 4.85 20.42
N ASN C 208 18.48 4.72 19.56
CA ASN C 208 18.67 4.36 18.16
C ASN C 208 18.03 5.42 17.27
N HIS C 209 18.82 6.00 16.37
CA HIS C 209 18.34 6.99 15.40
C HIS C 209 18.83 6.54 14.03
N LYS C 210 18.04 5.69 13.36
CA LYS C 210 18.44 5.16 12.07
C LYS C 210 18.57 6.21 10.96
N PRO C 211 17.84 7.33 10.95
CA PRO C 211 18.10 8.33 9.89
C PRO C 211 19.53 8.80 9.82
N SER C 212 20.22 8.91 10.96
CA SER C 212 21.65 9.25 10.97
C SER C 212 22.52 8.02 11.17
N ASN C 213 21.93 6.82 11.18
CA ASN C 213 22.66 5.57 11.39
C ASN C 213 23.47 5.61 12.69
N THR C 214 22.86 6.14 13.74
CA THR C 214 23.51 6.29 15.03
C THR C 214 22.77 5.48 16.08
N LYS C 215 23.50 4.63 16.79
CA LYS C 215 22.98 3.86 17.91
C LYS C 215 23.91 4.04 19.09
N VAL C 216 23.36 4.44 20.23
CA VAL C 216 24.15 4.85 21.39
C VAL C 216 23.73 4.02 22.59
N ASP C 217 24.71 3.52 23.33
CA ASP C 217 24.49 2.82 24.60
C ASP C 217 25.29 3.56 25.67
N LYS C 218 24.58 4.25 26.56
CA LYS C 218 25.19 5.08 27.59
C LYS C 218 24.99 4.44 28.96
N ARG C 219 26.08 4.36 29.73
CA ARG C 219 26.03 3.82 31.09
C ARG C 219 25.68 4.95 32.06
N VAL C 220 24.51 4.83 32.69
CA VAL C 220 24.06 5.85 33.65
C VAL C 220 24.61 5.44 35.01
N GLU C 221 25.87 5.81 35.25
CA GLU C 221 26.50 5.52 36.52
C GLU C 221 25.95 6.44 37.61
N PRO C 222 25.79 5.94 38.83
CA PRO C 222 25.33 6.81 39.92
C PRO C 222 26.32 7.92 40.20
N LYS C 223 25.79 9.10 40.55
CA LYS C 223 26.61 10.26 40.85
C LYS C 223 27.00 10.25 42.32
N SER C 224 28.29 10.39 42.59
CA SER C 224 28.82 10.41 43.95
C SER C 224 29.66 11.67 44.14
N CYS C 225 29.42 12.38 45.23
CA CYS C 225 30.15 13.60 45.54
C CYS C 225 31.40 13.30 46.35
N ASP D 1 -17.37 29.62 4.41
CA ASP D 1 -17.48 28.17 4.52
C ASP D 1 -18.08 27.79 5.87
N ILE D 2 -18.24 26.49 6.11
CA ILE D 2 -18.84 26.01 7.35
C ILE D 2 -17.80 25.96 8.45
N GLN D 3 -18.19 26.35 9.66
CA GLN D 3 -17.32 26.35 10.83
C GLN D 3 -17.86 25.32 11.81
N MET D 4 -17.17 24.19 11.90
CA MET D 4 -17.57 23.14 12.84
C MET D 4 -17.02 23.47 14.22
N THR D 5 -17.91 23.65 15.20
CA THR D 5 -17.53 23.98 16.56
C THR D 5 -17.96 22.85 17.48
N GLN D 6 -16.99 22.12 18.01
CA GLN D 6 -17.26 21.00 18.90
C GLN D 6 -17.28 21.45 20.35
N SER D 7 -18.26 20.96 21.11
CA SER D 7 -18.36 21.19 22.54
C SER D 7 -18.60 19.85 23.22
N PRO D 8 -17.87 19.54 24.31
CA PRO D 8 -16.85 20.39 24.93
C PRO D 8 -15.48 20.29 24.26
N SER D 9 -14.58 21.21 24.61
CA SER D 9 -13.22 21.13 24.09
C SER D 9 -12.49 19.91 24.64
N SER D 10 -12.77 19.54 25.89
CA SER D 10 -12.16 18.36 26.51
C SER D 10 -13.11 17.82 27.57
N LEU D 11 -12.90 16.56 27.93
CA LEU D 11 -13.77 15.88 28.87
C LEU D 11 -13.02 14.70 29.47
N SER D 12 -13.66 14.06 30.46
CA SER D 12 -13.08 12.90 31.12
C SER D 12 -14.19 12.09 31.78
N ALA D 13 -14.00 10.77 31.81
CA ALA D 13 -14.92 9.85 32.46
C ALA D 13 -14.13 8.64 32.95
N SER D 14 -14.82 7.71 33.58
CA SER D 14 -14.17 6.59 34.28
C SER D 14 -14.78 5.25 33.89
N VAL D 15 -14.97 5.04 32.59
CA VAL D 15 -15.37 3.75 32.01
C VAL D 15 -16.80 3.40 32.39
N GLY D 16 -17.62 3.09 31.39
CA GLY D 16 -19.01 2.73 31.61
C GLY D 16 -19.96 3.89 31.75
N ASP D 17 -19.45 5.12 31.78
CA ASP D 17 -20.30 6.29 31.89
C ASP D 17 -20.92 6.63 30.54
N ARG D 18 -22.00 7.39 30.58
CA ARG D 18 -22.68 7.84 29.37
C ARG D 18 -21.98 9.07 28.82
N VAL D 19 -21.60 9.03 27.55
CA VAL D 19 -20.83 10.08 26.90
C VAL D 19 -21.72 10.76 25.86
N THR D 20 -21.60 12.08 25.77
CA THR D 20 -22.33 12.85 24.77
C THR D 20 -21.47 14.00 24.31
N ILE D 21 -21.22 14.08 23.00
CA ILE D 21 -20.41 15.13 22.39
C ILE D 21 -21.27 15.88 21.39
N THR D 22 -21.31 17.21 21.50
CA THR D 22 -22.12 18.06 20.64
C THR D 22 -21.24 18.77 19.63
N CYS D 23 -21.74 18.89 18.40
CA CYS D 23 -21.03 19.56 17.31
C CYS D 23 -21.98 20.52 16.63
N ARG D 24 -21.59 21.79 16.56
CA ARG D 24 -22.43 22.85 16.02
C ARG D 24 -21.84 23.39 14.72
N ALA D 25 -22.71 23.69 13.76
CA ALA D 25 -22.32 24.22 12.48
C ALA D 25 -22.85 25.65 12.31
N SER D 26 -22.07 26.48 11.62
CA SER D 26 -22.48 27.86 11.39
C SER D 26 -23.70 27.93 10.48
N GLN D 27 -23.66 27.25 9.34
CA GLN D 27 -24.79 27.19 8.43
C GLN D 27 -25.49 25.84 8.58
N SER D 28 -26.48 25.60 7.71
CA SER D 28 -27.24 24.36 7.74
C SER D 28 -26.61 23.36 6.79
N ILE D 29 -26.26 22.19 7.32
CA ILE D 29 -25.66 21.11 6.54
C ILE D 29 -26.58 19.90 6.46
N SER D 30 -27.87 20.10 6.74
CA SER D 30 -28.86 19.03 6.71
C SER D 30 -28.44 17.86 7.60
N SER D 31 -27.93 16.79 6.97
CA SER D 31 -27.48 15.62 7.71
C SER D 31 -26.16 15.09 7.16
N TYR D 32 -25.29 15.97 6.67
CA TYR D 32 -24.04 15.57 6.05
C TYR D 32 -22.85 15.64 7.02
N LEU D 33 -23.09 15.35 8.29
CA LEU D 33 -22.03 15.33 9.29
C LEU D 33 -21.56 13.90 9.54
N ASN D 34 -20.25 13.74 9.69
CA ASN D 34 -19.64 12.45 9.96
C ASN D 34 -18.70 12.57 11.15
N TRP D 35 -18.70 11.54 11.99
CA TRP D 35 -17.86 11.51 13.19
C TRP D 35 -16.69 10.56 12.98
N TYR D 36 -15.50 11.01 13.39
CA TYR D 36 -14.29 10.21 13.28
C TYR D 36 -13.59 10.16 14.63
N GLN D 37 -12.91 9.04 14.88
CA GLN D 37 -12.13 8.85 16.09
C GLN D 37 -10.65 8.73 15.72
N HIS D 38 -9.81 9.51 16.38
CA HIS D 38 -8.38 9.53 16.11
C HIS D 38 -7.62 9.09 17.35
N LYS D 39 -6.69 8.17 17.17
CA LYS D 39 -5.85 7.67 18.25
C LYS D 39 -4.40 8.12 18.05
N PRO D 40 -3.67 8.35 19.15
CA PRO D 40 -2.27 8.75 19.02
C PRO D 40 -1.45 7.70 18.26
N GLY D 41 -0.81 8.14 17.18
CA GLY D 41 0.05 7.25 16.42
C GLY D 41 -0.67 6.24 15.55
N LYS D 42 -1.98 6.37 15.39
CA LYS D 42 -2.76 5.43 14.59
C LYS D 42 -3.68 6.20 13.66
N ALA D 43 -4.06 5.55 12.56
CA ALA D 43 -4.88 6.21 11.55
C ALA D 43 -6.29 6.49 12.09
N PRO D 44 -6.90 7.59 11.64
CA PRO D 44 -8.26 7.89 12.07
C PRO D 44 -9.26 6.85 11.55
N LYS D 45 -10.35 6.69 12.30
CA LYS D 45 -11.37 5.70 11.99
C LYS D 45 -12.74 6.38 11.93
N LEU D 46 -13.53 6.03 10.91
CA LEU D 46 -14.88 6.55 10.77
C LEU D 46 -15.83 5.75 11.64
N LEU D 47 -16.70 6.44 12.37
CA LEU D 47 -17.67 5.81 13.25
C LEU D 47 -19.10 6.02 12.78
N ILE D 48 -19.52 7.28 12.64
CA ILE D 48 -20.89 7.63 12.26
C ILE D 48 -20.82 8.57 11.07
N PHE D 49 -21.56 8.26 10.01
CA PHE D 49 -21.61 9.10 8.83
C PHE D 49 -23.07 9.35 8.46
N THR D 50 -23.36 10.57 8.00
CA THR D 50 -24.73 11.03 7.77
C THR D 50 -25.54 10.99 9.07
N ALA D 51 -24.88 11.35 10.17
CA ALA D 51 -25.50 11.51 11.49
C ALA D 51 -26.10 10.21 12.03
N SER D 52 -25.94 9.12 11.30
CA SER D 52 -26.48 7.82 11.68
C SER D 52 -25.58 6.76 11.05
N ASN D 53 -26.09 5.54 10.89
CA ASN D 53 -25.46 4.51 10.09
C ASN D 53 -24.06 4.16 10.61
N LEU D 54 -24.07 3.54 11.79
CA LEU D 54 -22.85 3.05 12.41
C LEU D 54 -22.03 2.20 11.44
N GLN D 55 -20.76 2.60 11.27
CA GLN D 55 -19.87 1.92 10.33
C GLN D 55 -19.70 0.45 10.71
N SER D 56 -19.53 -0.39 9.68
CA SER D 56 -19.35 -1.81 9.90
C SER D 56 -18.09 -2.06 10.73
N GLY D 57 -18.26 -2.77 11.83
CA GLY D 57 -17.19 -3.04 12.77
C GLY D 57 -17.21 -2.18 14.01
N VAL D 58 -17.95 -1.07 14.00
CA VAL D 58 -18.04 -0.21 15.17
C VAL D 58 -19.12 -0.76 16.11
N PRO D 59 -18.80 -0.95 17.39
CA PRO D 59 -19.79 -1.53 18.31
C PRO D 59 -21.00 -0.62 18.49
N SER D 60 -22.12 -1.25 18.85
CA SER D 60 -23.40 -0.55 18.92
C SER D 60 -23.42 0.56 19.98
N ARG D 61 -22.47 0.56 20.91
CA ARG D 61 -22.44 1.59 21.94
C ARG D 61 -22.32 2.99 21.34
N PHE D 62 -21.62 3.12 20.21
CA PHE D 62 -21.52 4.40 19.52
C PHE D 62 -22.81 4.67 18.77
N SER D 63 -23.52 5.73 19.18
CA SER D 63 -24.77 6.11 18.53
C SER D 63 -24.74 7.61 18.25
N GLY D 64 -25.08 7.99 17.02
CA GLY D 64 -25.10 9.38 16.64
C GLY D 64 -26.44 9.83 16.13
N GLY D 65 -26.69 11.14 16.16
CA GLY D 65 -27.95 11.67 15.69
C GLY D 65 -27.88 13.18 15.56
N GLY D 66 -28.96 13.74 15.05
CA GLY D 66 -29.09 15.17 14.86
C GLY D 66 -29.21 15.54 13.39
N SER D 67 -29.60 16.80 13.18
CA SER D 67 -29.77 17.35 11.84
C SER D 67 -29.69 18.88 11.95
N GLY D 68 -29.78 19.54 10.80
CA GLY D 68 -29.71 20.98 10.77
C GLY D 68 -28.32 21.52 11.06
N THR D 69 -28.15 22.14 12.22
CA THR D 69 -26.87 22.70 12.63
C THR D 69 -26.29 22.08 13.89
N ASP D 70 -27.11 21.43 14.73
CA ASP D 70 -26.64 20.85 15.98
C ASP D 70 -26.69 19.32 15.86
N PHE D 71 -25.54 18.69 16.12
CA PHE D 71 -25.41 17.24 16.03
C PHE D 71 -24.83 16.72 17.35
N THR D 72 -25.02 15.42 17.59
CA THR D 72 -24.62 14.83 18.86
C THR D 72 -24.15 13.40 18.64
N LEU D 73 -23.01 13.07 19.23
CA LEU D 73 -22.47 11.71 19.24
C LEU D 73 -22.52 11.18 20.68
N THR D 74 -23.07 9.98 20.84
CA THR D 74 -23.24 9.38 22.16
C THR D 74 -22.61 8.00 22.21
N ILE D 75 -22.05 7.68 23.37
CA ILE D 75 -21.55 6.34 23.69
C ILE D 75 -22.29 5.85 24.92
N SER D 76 -22.92 4.68 24.81
CA SER D 76 -23.74 4.17 25.91
C SER D 76 -22.90 3.92 27.16
N SER D 77 -21.95 3.01 27.07
CA SER D 77 -21.03 2.71 28.17
C SER D 77 -19.60 2.90 27.68
N LEU D 78 -18.83 3.69 28.41
CA LEU D 78 -17.45 3.97 28.03
C LEU D 78 -16.57 2.76 28.34
N GLN D 79 -15.65 2.46 27.44
CA GLN D 79 -14.75 1.32 27.57
C GLN D 79 -13.30 1.79 27.50
N PRO D 80 -12.32 0.94 27.82
CA PRO D 80 -10.92 1.34 27.62
C PRO D 80 -10.57 1.66 26.17
N GLU D 81 -11.19 0.98 25.20
CA GLU D 81 -10.76 1.13 23.81
C GLU D 81 -11.11 2.50 23.23
N ASP D 82 -12.31 3.01 23.54
CA ASP D 82 -12.78 4.24 22.91
C ASP D 82 -12.33 5.50 23.64
N PHE D 83 -11.21 5.43 24.36
CA PHE D 83 -10.57 6.62 24.93
C PHE D 83 -9.66 7.22 23.86
N ALA D 84 -10.15 8.25 23.18
CA ALA D 84 -9.40 8.89 22.09
C ALA D 84 -10.04 10.24 21.80
N THR D 85 -9.56 10.90 20.75
CA THR D 85 -10.08 12.17 20.30
C THR D 85 -11.12 11.96 19.20
N TYR D 86 -12.19 12.74 19.24
CA TYR D 86 -13.30 12.60 18.30
C TYR D 86 -13.48 13.88 17.51
N TYR D 87 -13.70 13.73 16.20
CA TYR D 87 -13.83 14.85 15.29
C TYR D 87 -15.14 14.73 14.52
N CYS D 88 -15.81 15.86 14.32
CA CYS D 88 -17.01 15.93 13.50
C CYS D 88 -16.69 16.68 12.21
N GLN D 89 -17.00 16.07 11.07
CA GLN D 89 -16.68 16.64 9.77
C GLN D 89 -17.95 16.76 8.94
N GLN D 90 -18.09 17.89 8.26
CA GLN D 90 -19.19 18.11 7.34
C GLN D 90 -18.78 17.75 5.92
N SER D 91 -19.77 17.30 5.14
CA SER D 91 -19.56 17.03 3.72
C SER D 91 -20.68 17.64 2.87
N TYR D 92 -21.40 18.61 3.42
CA TYR D 92 -22.51 19.22 2.69
C TYR D 92 -22.00 20.05 1.51
N THR D 93 -20.88 20.74 1.67
CA THR D 93 -20.30 21.52 0.60
C THR D 93 -18.79 21.59 0.79
N SER D 94 -18.08 21.82 -0.32
CA SER D 94 -16.63 21.96 -0.27
C SER D 94 -16.26 23.39 0.13
N PRO D 95 -15.16 23.57 0.89
CA PRO D 95 -14.32 22.53 1.48
C PRO D 95 -15.00 21.74 2.60
N ARG D 96 -14.56 20.50 2.81
CA ARG D 96 -15.12 19.65 3.86
C ARG D 96 -14.32 19.90 5.14
N THR D 97 -14.91 20.67 6.07
CA THR D 97 -14.22 21.07 7.28
C THR D 97 -14.47 20.08 8.41
N PHE D 98 -13.42 19.81 9.18
CA PHE D 98 -13.52 18.96 10.35
C PHE D 98 -13.84 19.80 11.58
N GLY D 99 -13.97 19.12 12.72
CA GLY D 99 -14.17 19.82 13.97
C GLY D 99 -12.86 20.28 14.60
N GLN D 100 -13.00 21.06 15.68
CA GLN D 100 -11.82 21.54 16.38
C GLN D 100 -11.11 20.42 17.12
N GLY D 101 -11.86 19.46 17.66
CA GLY D 101 -11.27 18.37 18.43
C GLY D 101 -11.91 18.23 19.80
N THR D 102 -12.14 16.98 20.21
CA THR D 102 -12.73 16.69 21.52
C THR D 102 -12.01 15.48 22.10
N LYS D 103 -11.16 15.72 23.10
CA LYS D 103 -10.35 14.67 23.70
C LYS D 103 -11.08 14.02 24.87
N VAL D 104 -10.82 12.73 25.06
CA VAL D 104 -11.47 11.94 26.10
C VAL D 104 -10.38 11.35 27.00
N GLU D 105 -10.56 11.50 28.31
CA GLU D 105 -9.57 11.07 29.30
C GLU D 105 -10.21 10.12 30.30
N ILE D 106 -9.43 9.17 30.78
CA ILE D 106 -9.86 8.27 31.84
C ILE D 106 -9.72 8.98 33.18
N LYS D 107 -10.83 9.08 33.92
CA LYS D 107 -10.82 9.82 35.18
C LYS D 107 -9.97 9.11 36.23
N ARG D 108 -9.28 9.90 37.04
CA ARG D 108 -8.38 9.37 38.05
C ARG D 108 -8.43 10.26 39.29
N THR D 109 -8.14 9.66 40.44
CA THR D 109 -8.03 10.43 41.67
C THR D 109 -6.83 11.37 41.60
N VAL D 110 -6.95 12.51 42.28
CA VAL D 110 -5.88 13.51 42.27
C VAL D 110 -4.65 12.93 42.93
N ALA D 111 -3.53 12.92 42.20
CA ALA D 111 -2.28 12.36 42.68
C ALA D 111 -1.18 13.43 42.58
N ALA D 112 -0.44 13.61 43.67
CA ALA D 112 0.61 14.61 43.69
C ALA D 112 1.80 14.15 42.85
N PRO D 113 2.47 15.05 42.13
CA PRO D 113 3.65 14.66 41.36
C PRO D 113 4.84 14.34 42.25
N SER D 114 5.72 13.50 41.73
CA SER D 114 7.00 13.20 42.35
C SER D 114 8.08 13.93 41.56
N VAL D 115 8.64 14.98 42.15
CA VAL D 115 9.52 15.90 41.43
C VAL D 115 10.96 15.46 41.61
N PHE D 116 11.68 15.34 40.49
CA PHE D 116 13.11 15.06 40.48
C PHE D 116 13.81 16.09 39.61
N ILE D 117 15.07 16.38 39.94
CA ILE D 117 15.87 17.34 39.19
C ILE D 117 17.19 16.69 38.81
N PHE D 118 17.70 17.06 37.65
CA PHE D 118 18.94 16.51 37.12
C PHE D 118 19.86 17.65 36.67
N PRO D 119 20.97 17.87 37.36
CA PRO D 119 21.91 18.91 36.91
C PRO D 119 22.63 18.47 35.64
N PRO D 120 23.18 19.42 34.89
CA PRO D 120 23.93 19.05 33.68
C PRO D 120 25.12 18.16 34.03
N SER D 121 25.35 17.15 33.20
CA SER D 121 26.42 16.20 33.45
C SER D 121 27.78 16.81 33.12
N ASP D 122 28.82 16.26 33.77
CA ASP D 122 30.17 16.69 33.47
C ASP D 122 30.55 16.39 32.02
N GLU D 123 30.01 15.29 31.46
CA GLU D 123 30.24 14.99 30.06
C GLU D 123 29.63 16.05 29.15
N GLN D 124 28.42 16.51 29.48
CA GLN D 124 27.76 17.53 28.67
C GLN D 124 28.36 18.91 28.88
N LEU D 125 28.84 19.21 30.09
CA LEU D 125 29.49 20.49 30.35
C LEU D 125 30.75 20.66 29.51
N LYS D 126 31.39 19.55 29.14
CA LYS D 126 32.56 19.61 28.28
C LYS D 126 32.23 20.10 26.88
N SER D 127 30.95 20.03 26.48
CA SER D 127 30.52 20.46 25.16
C SER D 127 30.16 21.93 25.10
N GLY D 128 30.27 22.65 26.22
CA GLY D 128 29.96 24.07 26.25
C GLY D 128 28.50 24.40 26.46
N THR D 129 27.63 23.40 26.59
CA THR D 129 26.21 23.63 26.82
C THR D 129 25.78 22.87 28.07
N ALA D 130 24.79 23.44 28.76
CA ALA D 130 24.25 22.86 29.99
C ALA D 130 22.74 22.75 29.88
N SER D 131 22.21 21.61 30.34
CA SER D 131 20.78 21.35 30.31
C SER D 131 20.33 20.90 31.69
N VAL D 132 19.45 21.68 32.32
CA VAL D 132 18.87 21.34 33.61
C VAL D 132 17.49 20.76 33.36
N VAL D 133 17.25 19.55 33.87
CA VAL D 133 16.04 18.79 33.60
C VAL D 133 15.24 18.66 34.90
N CYS D 134 13.97 19.03 34.84
CA CYS D 134 13.04 18.85 35.95
C CYS D 134 11.98 17.84 35.53
N LEU D 135 11.75 16.84 36.38
CA LEU D 135 10.87 15.71 36.06
C LEU D 135 9.68 15.68 37.00
N LEU D 136 8.49 15.59 36.44
CA LEU D 136 7.26 15.33 37.18
C LEU D 136 6.72 13.98 36.74
N ASN D 137 6.65 13.03 37.66
CA ASN D 137 6.34 11.64 37.33
C ASN D 137 5.00 11.23 37.93
N ASN D 138 4.10 10.73 37.09
CA ASN D 138 2.88 10.07 37.51
C ASN D 138 2.01 10.98 38.39
N PHE D 139 1.54 12.06 37.79
CA PHE D 139 0.68 13.02 38.47
C PHE D 139 -0.65 13.14 37.75
N TYR D 140 -1.59 13.83 38.40
CA TYR D 140 -2.94 14.06 37.88
C TYR D 140 -3.55 15.18 38.70
N PRO D 141 -4.23 16.16 38.07
CA PRO D 141 -4.51 16.28 36.64
C PRO D 141 -3.31 16.72 35.80
N ARG D 142 -3.53 16.81 34.48
CA ARG D 142 -2.45 17.17 33.57
C ARG D 142 -1.94 18.59 33.83
N GLU D 143 -2.84 19.52 34.16
CA GLU D 143 -2.46 20.91 34.30
C GLU D 143 -1.50 21.10 35.47
N ALA D 144 -0.36 21.74 35.20
CA ALA D 144 0.64 22.02 36.21
C ALA D 144 1.50 23.17 35.74
N LYS D 145 2.03 23.93 36.70
CA LYS D 145 2.89 25.07 36.43
C LYS D 145 4.31 24.76 36.90
N VAL D 146 5.27 24.93 36.01
CA VAL D 146 6.68 24.71 36.30
C VAL D 146 7.40 26.04 36.15
N GLN D 147 8.07 26.49 37.21
CA GLN D 147 8.78 27.75 37.21
C GLN D 147 10.25 27.50 37.50
N TRP D 148 11.12 28.11 36.71
CA TRP D 148 12.56 27.97 36.85
C TRP D 148 13.11 29.16 37.62
N LYS D 149 13.75 28.89 38.75
CA LYS D 149 14.30 29.93 39.63
C LYS D 149 15.82 29.79 39.64
N VAL D 150 16.49 30.64 38.85
CA VAL D 150 17.94 30.66 38.75
C VAL D 150 18.44 31.79 39.64
N ASP D 151 19.10 31.42 40.75
CA ASP D 151 19.48 32.39 41.79
C ASP D 151 18.28 33.20 42.25
N ASN D 152 17.14 32.51 42.40
CA ASN D 152 15.85 33.09 42.75
C ASN D 152 15.32 34.04 41.68
N ALA D 153 16.01 34.14 40.54
CA ALA D 153 15.54 34.95 39.41
C ALA D 153 14.84 34.03 38.42
N LEU D 154 13.65 34.43 38.00
CA LEU D 154 12.80 33.57 37.17
C LEU D 154 13.27 33.61 35.72
N GLN D 155 13.73 32.47 35.22
CA GLN D 155 14.13 32.37 33.82
C GLN D 155 12.90 32.09 32.95
N SER D 156 12.77 32.86 31.87
CA SER D 156 11.66 32.72 30.94
C SER D 156 12.19 32.62 29.52
N GLY D 157 11.50 31.83 28.70
CA GLY D 157 11.90 31.60 27.33
C GLY D 157 13.05 30.65 27.14
N ASN D 158 13.81 30.35 28.19
CA ASN D 158 14.94 29.44 28.12
C ASN D 158 14.55 28.00 28.43
N SER D 159 13.28 27.73 28.66
CA SER D 159 12.80 26.40 29.03
C SER D 159 11.69 25.96 28.10
N GLN D 160 11.58 24.64 27.93
CA GLN D 160 10.54 24.04 27.10
C GLN D 160 9.92 22.88 27.86
N GLU D 161 8.64 22.65 27.60
CA GLU D 161 7.86 21.66 28.34
C GLU D 161 7.41 20.54 27.43
N SER D 162 7.52 19.30 27.92
CA SER D 162 7.10 18.11 27.20
C SER D 162 6.27 17.24 28.14
N VAL D 163 5.11 16.80 27.66
CA VAL D 163 4.19 15.99 28.44
C VAL D 163 3.92 14.69 27.69
N THR D 164 4.03 13.57 28.40
CA THR D 164 3.71 12.28 27.81
C THR D 164 2.21 12.03 27.82
N GLU D 165 1.79 11.05 27.03
CA GLU D 165 0.39 10.64 27.04
C GLU D 165 0.09 9.85 28.31
N GLN D 166 -1.20 9.72 28.61
CA GLN D 166 -1.63 9.06 29.83
C GLN D 166 -1.21 7.59 29.83
N ASP D 167 -0.64 7.16 30.95
CA ASP D 167 -0.21 5.77 31.07
C ASP D 167 -1.41 4.84 31.16
N SER D 168 -1.28 3.66 30.56
CA SER D 168 -2.38 2.71 30.50
C SER D 168 -2.56 1.93 31.80
N LYS D 169 -1.61 2.00 32.72
CA LYS D 169 -1.69 1.23 33.96
C LYS D 169 -2.33 2.01 35.10
N ASP D 170 -1.86 3.23 35.34
CA ASP D 170 -2.34 4.04 36.46
C ASP D 170 -3.06 5.30 36.04
N SER D 171 -3.18 5.58 34.74
CA SER D 171 -3.90 6.74 34.22
C SER D 171 -3.33 8.04 34.77
N THR D 172 -2.03 8.23 34.58
CA THR D 172 -1.32 9.41 35.06
C THR D 172 -0.50 10.01 33.93
N TYR D 173 0.08 11.18 34.20
CA TYR D 173 0.88 11.91 33.22
C TYR D 173 2.28 12.15 33.77
N SER D 174 3.21 12.38 32.85
CA SER D 174 4.59 12.75 33.18
C SER D 174 4.97 14.00 32.42
N LEU D 175 5.75 14.88 33.07
CA LEU D 175 6.13 16.15 32.50
C LEU D 175 7.65 16.32 32.57
N SER D 176 8.21 16.95 31.54
CA SER D 176 9.63 17.22 31.47
C SER D 176 9.85 18.68 31.07
N SER D 177 10.49 19.45 31.94
CA SER D 177 10.85 20.83 31.67
C SER D 177 12.37 20.94 31.58
N THR D 178 12.86 21.28 30.39
CA THR D 178 14.30 21.33 30.12
C THR D 178 14.70 22.79 29.92
N LEU D 179 15.33 23.37 30.94
CA LEU D 179 15.88 24.72 30.85
C LEU D 179 17.33 24.62 30.39
N THR D 180 17.61 25.16 29.21
CA THR D 180 18.92 25.05 28.58
C THR D 180 19.66 26.38 28.69
N LEU D 181 20.91 26.32 29.15
CA LEU D 181 21.77 27.49 29.23
C LEU D 181 23.17 27.11 28.78
N SER D 182 23.88 28.07 28.22
CA SER D 182 25.26 27.84 27.83
C SER D 182 26.15 27.68 29.06
N LYS D 183 27.32 27.08 28.85
CA LYS D 183 28.23 26.85 29.95
C LYS D 183 28.67 28.15 30.61
N ALA D 184 28.71 29.25 29.85
CA ALA D 184 29.07 30.54 30.43
C ALA D 184 27.99 31.03 31.39
N ASP D 185 26.74 31.08 30.93
CA ASP D 185 25.66 31.55 31.80
C ASP D 185 25.31 30.52 32.86
N TYR D 186 25.56 29.25 32.61
CA TYR D 186 25.31 28.22 33.61
C TYR D 186 26.20 28.39 34.82
N GLU D 187 27.47 28.76 34.61
CA GLU D 187 28.40 28.97 35.71
C GLU D 187 28.31 30.36 36.30
N LYS D 188 27.54 31.27 35.68
CA LYS D 188 27.28 32.57 36.28
C LYS D 188 26.48 32.45 37.57
N HIS D 189 25.77 31.33 37.76
CA HIS D 189 24.91 31.11 38.91
C HIS D 189 25.32 29.83 39.63
N LYS D 190 24.89 29.71 40.88
CA LYS D 190 25.18 28.55 41.69
C LYS D 190 23.95 27.77 42.14
N VAL D 191 22.78 28.41 42.23
CA VAL D 191 21.57 27.78 42.73
C VAL D 191 20.55 27.73 41.60
N TYR D 192 19.98 26.55 41.36
CA TYR D 192 18.94 26.36 40.36
C TYR D 192 17.77 25.63 41.02
N ALA D 193 16.58 26.18 40.85
CA ALA D 193 15.39 25.66 41.52
C ALA D 193 14.29 25.39 40.50
N CYS D 194 13.44 24.41 40.81
CA CYS D 194 12.29 24.03 39.99
C CYS D 194 11.06 24.05 40.88
N GLU D 195 10.34 25.17 40.88
CA GLU D 195 9.14 25.32 41.69
C GLU D 195 7.94 24.82 40.91
N VAL D 196 7.31 23.75 41.40
CA VAL D 196 6.18 23.13 40.75
C VAL D 196 4.93 23.40 41.57
N THR D 197 3.94 24.05 40.96
CA THR D 197 2.65 24.30 41.58
C THR D 197 1.62 23.41 40.90
N HIS D 198 1.05 22.48 41.66
CA HIS D 198 0.12 21.50 41.11
C HIS D 198 -1.03 21.30 42.08
N GLN D 199 -2.15 20.82 41.53
CA GLN D 199 -3.36 20.64 42.34
C GLN D 199 -3.13 19.62 43.45
N GLY D 200 -2.45 18.51 43.14
CA GLY D 200 -2.22 17.47 44.13
C GLY D 200 -1.36 17.90 45.30
N LEU D 201 -0.60 18.98 45.14
CA LEU D 201 0.24 19.52 46.20
C LEU D 201 -0.48 20.67 46.88
N SER D 202 -0.53 20.65 48.21
CA SER D 202 -1.16 21.74 48.95
C SER D 202 -0.40 23.05 48.77
N SER D 203 0.91 22.98 48.60
CA SER D 203 1.75 24.15 48.40
C SER D 203 2.76 23.82 47.30
N PRO D 204 3.30 24.84 46.63
CA PRO D 204 4.30 24.58 45.60
C PRO D 204 5.51 23.85 46.17
N VAL D 205 6.05 22.93 45.39
CA VAL D 205 7.18 22.10 45.78
C VAL D 205 8.39 22.50 44.96
N THR D 206 9.50 22.81 45.64
CA THR D 206 10.72 23.27 45.01
C THR D 206 11.86 22.30 45.29
N LYS D 207 12.52 21.85 44.23
CA LYS D 207 13.72 21.03 44.33
C LYS D 207 14.88 21.79 43.73
N SER D 208 15.96 21.93 44.49
CA SER D 208 17.08 22.77 44.09
C SER D 208 18.40 22.03 44.30
N PHE D 209 19.43 22.53 43.61
CA PHE D 209 20.79 22.01 43.73
C PHE D 209 21.77 23.16 43.64
N ASN D 210 22.95 22.95 44.21
CA ASN D 210 24.03 23.93 44.20
C ASN D 210 25.09 23.50 43.20
N ARG D 211 25.44 24.41 42.28
CA ARG D 211 26.42 24.10 41.25
C ARG D 211 27.79 23.85 41.87
N GLY D 212 28.47 22.82 41.37
CA GLY D 212 29.79 22.46 41.86
C GLY D 212 29.82 21.49 43.01
N GLU D 213 28.66 21.02 43.48
CA GLU D 213 28.62 20.06 44.58
C GLU D 213 27.84 18.81 44.19
C1 NAG E . -16.47 4.65 -34.52
C2 NAG E . -16.49 3.18 -34.97
C3 NAG E . -15.05 2.69 -35.10
C4 NAG E . -14.24 3.60 -36.01
C5 NAG E . -14.38 5.06 -35.58
C6 NAG E . -13.78 6.03 -36.59
C7 NAG E . -17.82 1.19 -34.46
C8 NAG E . -18.53 0.41 -33.40
N2 NAG E . -17.24 2.33 -34.06
O3 NAG E . -15.03 1.34 -35.60
O4 NAG E . -12.87 3.25 -35.93
O5 NAG E . -15.76 5.43 -35.48
O6 NAG E . -13.98 7.38 -36.22
O7 NAG E . -17.78 0.82 -35.63
C1 NAG F . 10.41 -6.61 -4.11
C2 NAG F . 11.61 -5.67 -4.00
C3 NAG F . 12.59 -6.19 -2.95
C4 NAG F . 11.88 -6.42 -1.63
C5 NAG F . 10.67 -7.33 -1.83
C6 NAG F . 9.85 -7.53 -0.58
C7 NAG F . 12.28 -4.38 -5.98
C8 NAG F . 11.59 -3.22 -5.34
N2 NAG F . 12.27 -5.52 -5.30
O3 NAG F . 13.64 -5.25 -2.78
O4 NAG F . 12.77 -7.01 -0.69
O5 NAG F . 9.79 -6.76 -2.82
O6 NAG F . 10.33 -8.62 0.19
O7 NAG F . 12.83 -4.29 -7.07
C1 NAG G . -32.05 28.06 1.60
C2 NAG G . -31.20 28.00 2.83
C3 NAG G . -31.36 29.30 3.60
C4 NAG G . -31.01 30.48 2.70
C5 NAG G . -31.59 30.36 1.27
C6 NAG G . -30.85 31.25 0.30
C7 NAG G . -30.57 25.95 3.98
C8 NAG G . -29.19 26.21 3.46
N2 NAG G . -31.51 26.85 3.66
O3 NAG G . -30.51 29.28 4.74
O4 NAG G . -31.50 31.68 3.28
O5 NAG G . -31.53 29.03 0.73
O6 NAG G . -29.87 32.04 0.97
O7 NAG G . -30.83 24.97 4.68
#